data_2UVF
#
_entry.id   2UVF
#
_cell.length_a   91.015
_cell.length_b   79.659
_cell.length_c   98.493
_cell.angle_alpha   90.00
_cell.angle_beta   103.90
_cell.angle_gamma   90.00
#
_symmetry.space_group_name_H-M   'P 1 21 1'
#
loop_
_entity.id
_entity.type
_entity.pdbx_description
1 polymer EXOPOLYGALACTURONASE
2 branched 'alpha-D-galactopyranuronic acid-(1-4)-alpha-D-galactopyranuronic acid'
3 non-polymer 'SULFATE ION'
4 non-polymer 'NICKEL (II) ION'
5 non-polymer 'ACETATE ION'
6 non-polymer DI(HYDROXYETHYL)ETHER
7 water water
#
_entity_poly.entity_id   1
_entity_poly.type   'polypeptide(L)'
_entity_poly.pdbx_seq_one_letter_code
;MQAQLQRPRTTGMLVIMASLMVGTPMAMAAKSSSLDAPQQLQVPTLAYDESSIVLVWKAPEDTRKIVDYQIFSAGKLLGK
ASDNNDNFSPAKPYIDHFYVNDKDNFQHKIVMQNFTVIGLKPETSYQFTVKAQYADGSLSVASKPITAKTSAKPQIVNVR
DFGAIDDGKTLNTKAIQQAIDSCKPGCRVEIPAGTYKSGALWLKSDMTLNLQAGAILLGSENPDDYPAGYRLYPYSTIER
PASLINAIDPNNSKPGTFRNIRITGSGVIDGNGWLRAKTAEITDELGRSLPQYVASKNSKVHEDGILAKNQVEKAVSDGM
DLKNAYGQRRSSLMTLRGVENVYLAGFTVRNPAFHGIMNLENHNVVANGLIHQTYDANNGDGIEFGNSQNVMVFNNFFDT
GDDCINFAAGTGEKAQEQEPMKGAWLFNNYFRMGHGAIVTGSHTGAWIEDILAENNVMYLTDIGLRAKSTSTIGGGARNV
TFRNNAMRDLAKQVMVMTLDYADSNANIDYPPAKIPAQFYDFTLKNVTVDNSTGKNPSIEIKGDTANKAWHRLVHVNNVQ
LNNVTPTAISDLRDSEFNKVTFTELRGDTPWHFSEVKNVKVDGKPVAP
;
_entity_poly.pdbx_strand_id   A,B
#
loop_
_chem_comp.id
_chem_comp.type
_chem_comp.name
_chem_comp.formula
ACT non-polymer 'ACETATE ION' 'C2 H3 O2 -1'
ADA D-saccharide, alpha linking 'alpha-D-galactopyranuronic acid' 'C6 H10 O7'
NI non-polymer 'NICKEL (II) ION' 'Ni 2'
PEG non-polymer DI(HYDROXYETHYL)ETHER 'C4 H10 O3'
SO4 non-polymer 'SULFATE ION' 'O4 S -2'
#
# COMPACT_ATOMS: atom_id res chain seq x y z
N ASP A 36 -31.17 0.52 -9.79
CA ASP A 36 -31.26 2.00 -9.89
C ASP A 36 -29.86 2.58 -10.20
N ALA A 37 -29.76 3.33 -11.29
CA ALA A 37 -28.48 3.77 -11.87
C ALA A 37 -27.72 4.80 -11.03
N PRO A 38 -26.36 4.71 -11.01
CA PRO A 38 -25.50 5.70 -10.36
C PRO A 38 -25.76 7.11 -10.87
N GLN A 39 -25.81 8.07 -9.94
CA GLN A 39 -26.15 9.45 -10.27
C GLN A 39 -24.93 10.34 -10.35
N GLN A 40 -24.92 11.20 -11.36
CA GLN A 40 -24.01 12.33 -11.48
C GLN A 40 -22.53 11.99 -11.71
N LEU A 41 -22.26 11.07 -12.62
CA LEU A 41 -20.89 10.87 -13.07
C LEU A 41 -20.43 12.22 -13.59
N GLN A 42 -19.18 12.59 -13.31
CA GLN A 42 -18.68 13.90 -13.69
C GLN A 42 -17.17 13.94 -13.64
N VAL A 43 -16.59 14.91 -14.33
CA VAL A 43 -15.18 15.26 -14.16
C VAL A 43 -15.18 16.41 -13.15
N PRO A 44 -14.48 16.24 -12.01
CA PRO A 44 -14.25 17.36 -11.10
C PRO A 44 -13.47 18.47 -11.82
N THR A 45 -13.72 19.71 -11.39
CA THR A 45 -13.09 20.92 -11.96
C THR A 45 -11.59 20.80 -12.23
N LEU A 46 -11.23 20.98 -13.50
CA LEU A 46 -9.85 20.93 -13.99
C LEU A 46 -9.14 19.60 -13.69
N ALA A 47 -9.92 18.59 -13.33
CA ALA A 47 -9.41 17.26 -13.00
C ALA A 47 -9.01 16.45 -14.24
N TYR A 48 -8.42 17.15 -15.21
CA TYR A 48 -8.00 16.51 -16.46
C TYR A 48 -6.72 17.12 -17.03
N ASP A 49 -6.21 16.44 -18.05
CA ASP A 49 -4.84 16.60 -18.50
C ASP A 49 -4.82 16.42 -20.02
N GLU A 50 -3.64 16.40 -20.62
CA GLU A 50 -3.50 15.94 -21.99
C GLU A 50 -3.58 14.41 -22.16
N SER A 51 -3.41 13.67 -21.06
CA SER A 51 -3.47 12.21 -21.16
C SER A 51 -4.31 11.51 -20.09
N SER A 52 -4.94 12.28 -19.21
CA SER A 52 -5.71 11.68 -18.12
C SER A 52 -6.95 12.49 -17.75
N ILE A 53 -8.00 11.78 -17.33
CA ILE A 53 -9.24 12.37 -16.85
C ILE A 53 -9.60 11.67 -15.53
N VAL A 54 -10.05 12.45 -14.55
CA VAL A 54 -10.57 11.92 -13.28
C VAL A 54 -12.11 11.97 -13.28
N LEU A 55 -12.73 10.84 -12.95
CA LEU A 55 -14.19 10.75 -12.82
C LEU A 55 -14.64 10.58 -11.37
N VAL A 56 -15.76 11.21 -11.02
CA VAL A 56 -16.41 11.00 -9.74
C VAL A 56 -17.90 10.90 -9.94
N TRP A 57 -18.61 10.39 -8.93
CA TRP A 57 -20.05 10.17 -9.03
C TRP A 57 -20.57 10.08 -7.62
N LYS A 58 -21.88 10.30 -7.48
CA LYS A 58 -22.59 10.04 -6.22
C LYS A 58 -22.83 8.56 -5.89
N ALA A 59 -22.52 8.19 -4.66
CA ALA A 59 -22.98 6.96 -4.05
C ALA A 59 -24.20 7.37 -3.23
N PRO A 60 -25.22 6.49 -3.12
CA PRO A 60 -26.43 6.81 -2.36
C PRO A 60 -26.28 6.74 -0.84
N GLU A 61 -27.34 7.09 -0.12
CA GLU A 61 -27.34 7.07 1.34
C GLU A 61 -27.06 5.67 1.92
N ASP A 62 -27.62 4.66 1.26
CA ASP A 62 -27.58 3.28 1.72
C ASP A 62 -26.79 2.44 0.72
N THR A 63 -25.59 2.04 1.12
CA THR A 63 -24.69 1.31 0.24
C THR A 63 -24.51 -0.14 0.70
N ARG A 64 -25.43 -0.59 1.56
CA ARG A 64 -25.38 -1.94 2.13
C ARG A 64 -25.15 -3.07 1.13
N LYS A 65 -25.67 -2.89 -0.10
CA LYS A 65 -25.61 -3.96 -1.10
C LYS A 65 -24.60 -3.65 -2.22
N ILE A 66 -24.06 -2.44 -2.22
CA ILE A 66 -23.09 -2.01 -3.24
C ILE A 66 -21.69 -2.25 -2.68
N VAL A 67 -20.90 -3.06 -3.37
CA VAL A 67 -19.57 -3.41 -2.88
C VAL A 67 -18.44 -2.78 -3.71
N ASP A 68 -18.81 -2.14 -4.83
CA ASP A 68 -17.85 -1.60 -5.79
C ASP A 68 -18.59 -0.86 -6.92
N TYR A 69 -17.83 -0.22 -7.82
CA TYR A 69 -18.35 0.42 -9.03
C TYR A 69 -17.43 0.08 -10.20
N GLN A 70 -18.00 -0.03 -11.40
CA GLN A 70 -17.24 -0.39 -12.60
C GLN A 70 -17.36 0.69 -13.66
N ILE A 71 -16.27 0.97 -14.35
CA ILE A 71 -16.18 2.14 -15.24
C ILE A 71 -15.91 1.74 -16.69
N PHE A 72 -16.74 2.24 -17.60
CA PHE A 72 -16.68 1.89 -19.02
C PHE A 72 -16.54 3.13 -19.88
N SER A 73 -15.59 3.12 -20.82
CA SER A 73 -15.52 4.12 -21.86
C SER A 73 -16.04 3.46 -23.14
N ALA A 74 -17.00 4.13 -23.79
CA ALA A 74 -17.71 3.55 -24.95
C ALA A 74 -18.03 2.07 -24.72
N GLY A 75 -18.70 1.80 -23.60
CA GLY A 75 -19.17 0.46 -23.24
C GLY A 75 -18.14 -0.65 -23.05
N LYS A 76 -16.86 -0.31 -23.16
CA LYS A 76 -15.79 -1.27 -22.83
C LYS A 76 -15.25 -1.00 -21.42
N LEU A 77 -15.12 -2.07 -20.64
CA LEU A 77 -14.68 -2.00 -19.24
C LEU A 77 -13.26 -1.43 -19.10
N LEU A 78 -13.13 -0.39 -18.27
CA LEU A 78 -11.82 0.19 -17.93
C LEU A 78 -11.26 -0.40 -16.63
N GLY A 79 -12.16 -0.82 -15.75
CA GLY A 79 -11.77 -1.41 -14.46
C GLY A 79 -12.72 -1.13 -13.32
N LYS A 80 -12.29 -1.48 -12.11
CA LYS A 80 -13.11 -1.28 -10.89
C LYS A 80 -12.59 -0.09 -10.07
N ALA A 81 -13.52 0.64 -9.45
CA ALA A 81 -13.18 1.78 -8.58
C ALA A 81 -12.14 1.43 -7.52
N SER A 82 -12.36 0.30 -6.83
CA SER A 82 -11.46 -0.21 -5.78
C SER A 82 -10.01 -0.41 -6.24
N ASP A 83 -9.81 -1.14 -7.34
CA ASP A 83 -8.48 -1.42 -7.90
C ASP A 83 -7.82 -0.16 -8.49
N ASN A 84 -8.64 0.70 -9.08
CA ASN A 84 -8.16 1.99 -9.56
C ASN A 84 -7.62 2.84 -8.42
N ASN A 85 -8.44 3.02 -7.39
CA ASN A 85 -7.95 3.67 -6.16
C ASN A 85 -6.66 3.05 -5.56
N ASP A 86 -6.49 1.72 -5.62
CA ASP A 86 -5.24 1.08 -5.13
C ASP A 86 -4.01 1.65 -5.85
N ASN A 87 -4.16 1.92 -7.14
CA ASN A 87 -3.11 2.49 -7.99
C ASN A 87 -2.89 4.01 -7.78
N PHE A 88 -3.97 4.79 -7.76
CA PHE A 88 -3.89 6.25 -7.77
C PHE A 88 -4.16 7.02 -6.46
N SER A 89 -4.89 6.46 -5.49
CA SER A 89 -5.20 7.17 -4.24
C SER A 89 -4.15 6.89 -3.17
N PRO A 90 -3.57 7.96 -2.57
CA PRO A 90 -2.71 7.81 -1.39
C PRO A 90 -3.48 7.40 -0.12
N ALA A 91 -4.77 7.74 -0.05
CA ALA A 91 -5.63 7.37 1.07
C ALA A 91 -5.97 5.88 1.13
N LYS A 92 -6.14 5.26 -0.03
CA LYS A 92 -6.70 3.91 -0.15
C LYS A 92 -5.94 2.78 0.55
N PRO A 93 -4.59 2.70 0.44
CA PRO A 93 -3.93 1.67 1.26
C PRO A 93 -4.20 1.81 2.78
N TYR A 94 -4.35 3.06 3.25
CA TYR A 94 -4.72 3.33 4.65
C TYR A 94 -6.14 2.93 4.95
N ILE A 95 -7.04 3.19 4.01
CA ILE A 95 -8.44 2.78 4.16
C ILE A 95 -8.57 1.26 4.23
N ASP A 96 -7.81 0.55 3.41
CA ASP A 96 -7.91 -0.90 3.43
C ASP A 96 -7.40 -1.47 4.74
N HIS A 97 -6.28 -0.94 5.19
CA HIS A 97 -5.65 -1.43 6.39
C HIS A 97 -6.53 -1.18 7.60
N PHE A 98 -7.34 -0.12 7.53
CA PHE A 98 -8.25 0.24 8.61
C PHE A 98 -9.16 -0.96 8.94
N TYR A 99 -9.61 -1.67 7.91
CA TYR A 99 -10.48 -2.82 8.13
C TYR A 99 -9.76 -4.13 8.49
N VAL A 100 -8.42 -4.19 8.34
CA VAL A 100 -7.62 -5.38 8.70
C VAL A 100 -7.86 -5.83 10.13
N ASN A 101 -8.06 -4.88 11.03
CA ASN A 101 -8.39 -5.11 12.44
C ASN A 101 -9.83 -5.59 12.66
N ASP A 102 -10.70 -5.44 11.69
CA ASP A 102 -12.13 -5.42 11.95
C ASP A 102 -12.77 -6.79 11.80
N LYS A 103 -12.53 -7.68 12.73
CA LYS A 103 -13.50 -8.76 12.86
C LYS A 103 -14.83 -8.45 13.53
N ASP A 104 -15.73 -9.40 13.36
CA ASP A 104 -17.13 -9.28 13.63
C ASP A 104 -17.84 -8.25 12.81
N ASN A 105 -17.11 -7.70 11.85
CA ASN A 105 -17.66 -6.80 10.84
C ASN A 105 -18.35 -5.56 11.44
N PHE A 106 -17.69 -4.93 12.42
CA PHE A 106 -18.34 -3.84 13.15
C PHE A 106 -18.38 -2.54 12.34
N GLN A 107 -17.29 -2.23 11.65
CA GLN A 107 -17.09 -0.97 10.94
C GLN A 107 -17.88 -0.87 9.63
N HIS A 108 -18.51 0.29 9.43
CA HIS A 108 -19.16 0.61 8.16
C HIS A 108 -18.14 0.52 7.03
N LYS A 109 -18.44 -0.30 6.04
CA LYS A 109 -17.59 -0.44 4.86
C LYS A 109 -17.93 0.63 3.82
N ILE A 110 -16.99 1.53 3.59
CA ILE A 110 -17.17 2.61 2.62
C ILE A 110 -17.04 2.09 1.19
N VAL A 111 -17.57 2.85 0.24
CA VAL A 111 -17.43 2.54 -1.17
C VAL A 111 -16.63 3.64 -1.87
N MET A 112 -15.93 3.27 -2.95
CA MET A 112 -15.21 4.26 -3.78
C MET A 112 -16.15 5.02 -4.72
N GLN A 113 -15.85 6.30 -4.96
CA GLN A 113 -16.68 7.22 -5.76
C GLN A 113 -15.81 7.94 -6.79
N ASN A 114 -14.60 7.44 -7.01
CA ASN A 114 -13.66 8.04 -7.95
C ASN A 114 -12.92 6.98 -8.75
N PHE A 115 -12.55 7.32 -9.98
CA PHE A 115 -11.78 6.45 -10.87
C PHE A 115 -10.95 7.33 -11.80
N THR A 116 -9.62 7.16 -11.77
CA THR A 116 -8.70 7.94 -12.62
C THR A 116 -8.34 7.25 -13.96
N VAL A 117 -8.79 7.83 -15.07
CA VAL A 117 -8.49 7.27 -16.40
C VAL A 117 -7.22 7.85 -17.01
N ILE A 118 -6.16 7.05 -17.11
CA ILE A 118 -4.88 7.50 -17.71
C ILE A 118 -4.59 6.90 -19.10
N GLY A 119 -3.44 7.26 -19.66
CA GLY A 119 -2.96 6.69 -20.93
C GLY A 119 -3.80 7.12 -22.13
N LEU A 120 -4.32 8.34 -22.08
CA LEU A 120 -5.14 8.91 -23.14
C LEU A 120 -4.26 9.75 -24.07
N LYS A 121 -4.87 10.30 -25.11
CA LYS A 121 -4.15 11.12 -26.09
C LYS A 121 -4.64 12.56 -26.05
N PRO A 122 -3.77 13.54 -26.42
CA PRO A 122 -4.10 14.96 -26.33
C PRO A 122 -5.31 15.35 -27.16
N GLU A 123 -6.25 16.08 -26.56
CA GLU A 123 -7.33 16.76 -27.31
C GLU A 123 -8.47 15.85 -27.81
N THR A 124 -8.59 14.65 -27.25
CA THR A 124 -9.53 13.63 -27.72
C THR A 124 -10.77 13.52 -26.83
N SER A 125 -11.95 13.41 -27.44
CA SER A 125 -13.19 13.14 -26.71
C SER A 125 -13.32 11.67 -26.34
N TYR A 126 -13.88 11.40 -25.16
CA TYR A 126 -14.14 10.05 -24.66
C TYR A 126 -15.47 10.04 -23.94
N GLN A 127 -16.26 8.99 -24.14
CA GLN A 127 -17.52 8.81 -23.40
C GLN A 127 -17.29 7.87 -22.22
N PHE A 128 -18.08 8.04 -21.15
CA PHE A 128 -17.88 7.31 -19.90
C PHE A 128 -19.23 6.97 -19.25
N THR A 129 -19.36 5.72 -18.80
CA THR A 129 -20.44 5.34 -17.88
C THR A 129 -19.91 4.60 -16.64
N VAL A 130 -20.72 4.56 -15.59
CA VAL A 130 -20.41 3.85 -14.33
C VAL A 130 -21.58 2.99 -13.84
N LYS A 131 -21.28 1.75 -13.44
CA LYS A 131 -22.28 0.85 -12.83
C LYS A 131 -21.86 0.46 -11.42
N ALA A 132 -22.83 0.48 -10.51
CA ALA A 132 -22.70 -0.16 -9.19
C ALA A 132 -22.53 -1.66 -9.32
N GLN A 133 -21.58 -2.21 -8.56
CA GLN A 133 -21.37 -3.64 -8.50
C GLN A 133 -21.88 -4.11 -7.14
N TYR A 134 -22.68 -5.18 -7.16
CA TYR A 134 -23.32 -5.64 -5.94
C TYR A 134 -22.58 -6.83 -5.34
N ALA A 135 -22.90 -7.10 -4.07
CA ALA A 135 -22.30 -8.20 -3.33
C ALA A 135 -22.38 -9.54 -4.08
N ASP A 136 -23.54 -9.77 -4.73
CA ASP A 136 -23.87 -11.03 -5.42
C ASP A 136 -23.34 -11.12 -6.87
N GLY A 137 -22.47 -10.20 -7.26
CA GLY A 137 -21.79 -10.24 -8.56
C GLY A 137 -22.43 -9.41 -9.66
N SER A 138 -23.72 -9.08 -9.48
CA SER A 138 -24.50 -8.37 -10.50
C SER A 138 -24.28 -6.87 -10.51
N LEU A 139 -24.46 -6.25 -11.68
CA LEU A 139 -24.27 -4.81 -11.86
C LEU A 139 -25.61 -4.08 -11.95
N SER A 140 -25.59 -2.77 -11.71
CA SER A 140 -26.78 -1.95 -11.95
C SER A 140 -26.77 -1.43 -13.39
N VAL A 141 -27.92 -0.95 -13.85
CA VAL A 141 -27.98 -0.26 -15.14
C VAL A 141 -26.95 0.90 -15.15
N ALA A 142 -26.35 1.12 -16.32
CA ALA A 142 -25.33 2.15 -16.50
C ALA A 142 -25.88 3.54 -16.13
N SER A 143 -24.99 4.41 -15.67
CA SER A 143 -25.32 5.80 -15.40
C SER A 143 -25.71 6.49 -16.71
N LYS A 144 -26.12 7.76 -16.65
CA LYS A 144 -26.18 8.59 -17.86
C LYS A 144 -24.73 8.82 -18.32
N PRO A 145 -24.48 8.78 -19.64
CA PRO A 145 -23.10 8.96 -20.06
C PRO A 145 -22.58 10.39 -19.89
N ILE A 146 -21.26 10.52 -19.85
CA ILE A 146 -20.63 11.82 -20.02
C ILE A 146 -19.56 11.70 -21.10
N THR A 147 -19.45 12.76 -21.90
CA THR A 147 -18.35 12.92 -22.82
C THR A 147 -17.41 13.95 -22.19
N ALA A 148 -16.11 13.67 -22.25
CA ALA A 148 -15.11 14.60 -21.76
C ALA A 148 -13.87 14.59 -22.63
N LYS A 149 -13.35 15.79 -22.90
CA LYS A 149 -12.21 15.95 -23.77
C LYS A 149 -10.95 16.28 -22.97
N THR A 150 -9.88 15.55 -23.26
CA THR A 150 -8.54 15.90 -22.77
C THR A 150 -8.14 17.30 -23.25
N SER A 151 -7.07 17.83 -22.68
CA SER A 151 -6.54 19.13 -23.07
C SER A 151 -5.40 18.94 -24.10
N ALA A 152 -5.00 20.02 -24.74
CA ALA A 152 -3.81 20.00 -25.61
C ALA A 152 -2.55 19.95 -24.77
N LYS A 153 -1.53 19.27 -25.28
CA LYS A 153 -0.21 19.26 -24.65
C LYS A 153 0.17 20.71 -24.31
N PRO A 154 0.53 20.98 -23.02
CA PRO A 154 0.84 22.33 -22.55
C PRO A 154 2.26 22.84 -22.89
N GLN A 155 2.44 24.17 -22.80
CA GLN A 155 3.76 24.77 -22.89
C GLN A 155 4.54 24.46 -21.62
N ILE A 156 5.49 23.53 -21.71
CA ILE A 156 6.34 23.20 -20.55
C ILE A 156 7.28 24.37 -20.29
N VAL A 157 7.34 24.79 -19.03
CA VAL A 157 8.27 25.81 -18.57
C VAL A 157 9.00 25.25 -17.36
N ASN A 158 10.31 25.09 -17.48
CA ASN A 158 11.10 24.51 -16.40
C ASN A 158 11.81 25.65 -15.64
N VAL A 159 11.68 25.67 -14.32
CA VAL A 159 12.24 26.76 -13.50
C VAL A 159 13.77 26.79 -13.52
N ARG A 160 14.38 25.69 -13.96
CA ARG A 160 15.84 25.59 -14.07
C ARG A 160 16.38 26.43 -15.23
N ASP A 161 15.54 26.63 -16.26
CA ASP A 161 15.86 27.48 -17.40
C ASP A 161 15.88 28.98 -17.03
N PHE A 162 15.43 29.29 -15.81
CA PHE A 162 15.46 30.66 -15.30
C PHE A 162 16.40 30.82 -14.12
N GLY A 163 17.28 29.84 -13.94
CA GLY A 163 18.35 29.93 -12.95
C GLY A 163 18.08 29.33 -11.57
N ALA A 164 17.03 28.52 -11.47
CA ALA A 164 16.75 27.82 -10.22
C ALA A 164 17.64 26.59 -10.10
N ILE A 165 18.23 26.43 -8.92
CA ILE A 165 19.21 25.38 -8.69
C ILE A 165 19.05 24.75 -7.30
N ASP A 166 19.17 23.43 -7.25
CA ASP A 166 19.19 22.67 -6.00
C ASP A 166 20.56 22.80 -5.33
N ASP A 167 20.66 23.71 -4.36
CA ASP A 167 21.82 23.74 -3.44
C ASP A 167 21.36 23.67 -1.97
N GLY A 168 21.29 24.75 -1.19
CA GLY A 168 21.62 26.13 -1.56
C GLY A 168 22.89 26.57 -0.87
N LYS A 169 23.03 27.87 -0.57
CA LYS A 169 21.93 28.83 -0.51
C LYS A 169 21.72 29.68 -1.76
N THR A 170 21.17 29.09 -2.81
CA THR A 170 20.53 29.88 -3.84
C THR A 170 19.06 30.02 -3.42
N LEU A 171 18.65 31.25 -3.13
CA LEU A 171 17.24 31.57 -2.98
C LEU A 171 16.64 31.71 -4.38
N ASN A 172 15.61 30.92 -4.67
CA ASN A 172 15.10 30.78 -6.02
C ASN A 172 13.83 31.57 -6.33
N THR A 173 13.41 32.44 -5.40
CA THR A 173 12.17 33.23 -5.56
C THR A 173 12.11 33.87 -6.93
N LYS A 174 13.23 34.48 -7.34
CA LYS A 174 13.36 35.22 -8.59
C LYS A 174 13.32 34.33 -9.84
N ALA A 175 14.08 33.23 -9.80
CA ALA A 175 14.04 32.22 -10.85
C ALA A 175 12.64 31.66 -11.06
N ILE A 176 12.02 31.18 -9.97
CA ILE A 176 10.67 30.59 -10.01
C ILE A 176 9.62 31.62 -10.44
N GLN A 177 9.71 32.83 -9.91
CA GLN A 177 8.81 33.93 -10.30
C GLN A 177 8.97 34.29 -11.76
N GLN A 178 10.23 34.37 -12.21
CA GLN A 178 10.58 34.60 -13.62
C GLN A 178 9.87 33.57 -14.50
N ALA A 179 9.94 32.30 -14.10
CA ALA A 179 9.30 31.20 -14.83
C ALA A 179 7.78 31.30 -14.90
N ILE A 180 7.13 31.65 -13.78
CA ILE A 180 5.68 31.88 -13.75
C ILE A 180 5.31 33.12 -14.57
N ASP A 181 6.13 34.16 -14.48
CA ASP A 181 5.90 35.40 -15.24
C ASP A 181 5.93 35.13 -16.76
N SER A 182 6.94 34.39 -17.20
CA SER A 182 7.11 34.05 -18.62
C SER A 182 6.17 32.93 -19.06
N CYS A 183 4.91 33.02 -18.64
CA CYS A 183 3.96 31.92 -18.81
C CYS A 183 2.79 32.32 -19.72
N LYS A 184 2.66 31.62 -20.86
CA LYS A 184 1.48 31.75 -21.72
C LYS A 184 0.30 31.03 -21.06
N PRO A 185 -0.95 31.46 -21.34
CA PRO A 185 -2.14 30.71 -20.88
C PRO A 185 -2.15 29.24 -21.31
N GLY A 186 -2.21 28.34 -20.31
CA GLY A 186 -2.15 26.90 -20.54
C GLY A 186 -0.79 26.25 -20.27
N CYS A 187 0.17 27.05 -19.77
CA CYS A 187 1.50 26.56 -19.44
C CYS A 187 1.47 25.53 -18.31
N ARG A 188 2.59 24.84 -18.13
CA ARG A 188 2.85 24.06 -16.93
C ARG A 188 4.28 24.37 -16.49
N VAL A 189 4.40 25.04 -15.34
CA VAL A 189 5.71 25.30 -14.75
C VAL A 189 6.17 24.05 -13.99
N GLU A 190 7.36 23.54 -14.32
CA GLU A 190 7.91 22.35 -13.68
C GLU A 190 9.00 22.70 -12.68
N ILE A 191 8.89 22.15 -11.47
CA ILE A 191 9.98 22.15 -10.48
C ILE A 191 10.47 20.69 -10.36
N PRO A 192 11.51 20.31 -11.13
CA PRO A 192 12.11 18.96 -11.09
C PRO A 192 12.67 18.54 -9.72
N ALA A 193 13.13 17.28 -9.63
CA ALA A 193 13.83 16.78 -8.43
C ALA A 193 14.88 17.77 -7.94
N GLY A 194 15.00 17.88 -6.62
CA GLY A 194 15.91 18.82 -5.97
C GLY A 194 15.21 19.66 -4.93
N THR A 195 16.00 20.21 -4.01
CA THR A 195 15.50 21.08 -2.95
C THR A 195 15.77 22.56 -3.28
N TYR A 196 14.70 23.26 -3.65
CA TYR A 196 14.73 24.68 -4.04
C TYR A 196 14.11 25.59 -2.97
N LYS A 197 14.96 26.24 -2.18
CA LYS A 197 14.51 27.27 -1.24
C LYS A 197 13.89 28.45 -1.99
N SER A 198 12.81 28.99 -1.45
CA SER A 198 12.08 30.07 -2.12
C SER A 198 11.29 30.89 -1.09
N GLY A 199 11.02 32.14 -1.44
CA GLY A 199 10.12 32.99 -0.66
C GLY A 199 8.77 32.99 -1.31
N ALA A 200 7.90 33.91 -0.89
CA ALA A 200 6.56 34.00 -1.46
C ALA A 200 6.58 34.10 -2.98
N LEU A 201 5.73 33.30 -3.62
CA LEU A 201 5.58 33.31 -5.07
C LEU A 201 4.13 33.68 -5.36
N TRP A 202 3.87 34.20 -6.55
CA TRP A 202 2.57 34.76 -6.88
C TRP A 202 2.11 34.17 -8.19
N LEU A 203 1.01 33.41 -8.12
CA LEU A 203 0.51 32.69 -9.28
C LEU A 203 -0.39 33.62 -10.08
N LYS A 204 -0.76 33.16 -11.27
CA LYS A 204 -1.66 33.91 -12.11
C LYS A 204 -2.60 32.93 -12.80
N SER A 205 -3.67 33.47 -13.36
CA SER A 205 -4.69 32.71 -14.06
C SER A 205 -4.14 31.82 -15.19
N ASP A 206 -4.90 30.78 -15.52
CA ASP A 206 -4.62 29.85 -16.63
C ASP A 206 -3.19 29.29 -16.63
N MET A 207 -2.84 28.62 -15.53
CA MET A 207 -1.54 27.93 -15.41
C MET A 207 -1.62 26.68 -14.53
N THR A 208 -0.57 25.86 -14.61
CA THR A 208 -0.38 24.71 -13.75
C THR A 208 1.03 24.82 -13.22
N LEU A 209 1.18 24.66 -11.91
CA LEU A 209 2.48 24.50 -11.30
C LEU A 209 2.57 23.05 -10.88
N ASN A 210 3.54 22.35 -11.45
CA ASN A 210 3.74 20.94 -11.24
C ASN A 210 5.04 20.69 -10.50
N LEU A 211 4.92 20.15 -9.29
CA LEU A 211 6.05 19.67 -8.51
C LEU A 211 6.25 18.18 -8.82
N GLN A 212 7.36 17.84 -9.46
CA GLN A 212 7.62 16.49 -9.96
C GLN A 212 8.17 15.59 -8.87
N ALA A 213 8.19 14.29 -9.14
CA ALA A 213 8.77 13.31 -8.22
C ALA A 213 10.18 13.72 -7.77
N GLY A 214 10.34 13.89 -6.47
CA GLY A 214 11.63 14.28 -5.90
C GLY A 214 11.83 15.76 -5.67
N ALA A 215 10.90 16.58 -6.18
CA ALA A 215 10.91 18.04 -5.95
C ALA A 215 10.51 18.47 -4.54
N ILE A 216 11.31 19.33 -3.92
CA ILE A 216 10.92 19.98 -2.65
C ILE A 216 10.99 21.49 -2.78
N LEU A 217 9.83 22.13 -2.73
CA LEU A 217 9.75 23.56 -2.57
C LEU A 217 9.83 23.88 -1.08
N LEU A 218 11.01 24.38 -0.70
CA LEU A 218 11.31 24.72 0.69
C LEU A 218 11.12 26.23 0.97
N GLY A 219 10.33 26.54 1.99
CA GLY A 219 10.16 27.91 2.42
C GLY A 219 11.46 28.51 2.88
N SER A 220 11.66 29.80 2.56
CA SER A 220 12.75 30.57 3.15
C SER A 220 12.41 30.79 4.61
N GLU A 221 13.42 30.91 5.45
CA GLU A 221 13.17 31.21 6.85
C GLU A 221 13.30 32.73 7.13
N ASN A 222 13.57 33.50 6.07
CA ASN A 222 13.73 34.96 6.13
C ASN A 222 12.38 35.64 6.03
N PRO A 223 11.93 36.30 7.12
CA PRO A 223 10.65 37.03 7.07
C PRO A 223 10.55 38.06 5.94
N ASP A 224 11.67 38.38 5.29
CA ASP A 224 11.75 39.41 4.22
C ASP A 224 11.30 38.93 2.88
N ASP A 225 11.31 37.61 2.70
CA ASP A 225 10.93 36.97 1.45
C ASP A 225 9.43 36.71 1.36
N TYR A 226 8.70 37.20 2.37
CA TYR A 226 7.24 37.10 2.44
C TYR A 226 6.73 38.52 2.73
N PRO A 227 6.46 39.30 1.66
CA PRO A 227 6.05 40.68 1.87
C PRO A 227 4.54 40.72 2.16
N ALA A 228 3.98 41.90 2.42
CA ALA A 228 2.58 41.99 2.82
C ALA A 228 1.69 41.19 1.88
N GLY A 229 0.72 40.46 2.45
CA GLY A 229 -0.05 39.47 1.70
C GLY A 229 -1.52 39.77 1.54
N TYR A 230 -2.27 39.83 2.64
CA TYR A 230 -3.74 39.95 2.57
C TYR A 230 -4.32 40.23 3.95
N ARG A 231 -5.57 40.69 3.98
CA ARG A 231 -6.38 40.68 5.19
C ARG A 231 -7.46 39.62 5.00
N LEU A 232 -7.66 38.77 6.01
CA LEU A 232 -8.60 37.65 5.93
C LEU A 232 -10.01 38.08 5.53
N TYR A 233 -10.56 39.04 6.24
CA TYR A 233 -11.89 39.57 5.94
C TYR A 233 -11.79 41.06 5.60
N PRO A 234 -12.82 41.63 4.94
CA PRO A 234 -12.78 43.09 4.66
C PRO A 234 -12.59 43.92 5.93
N TYR A 235 -13.10 43.40 7.05
CA TYR A 235 -13.09 44.05 8.35
C TYR A 235 -11.96 43.58 9.26
N SER A 236 -10.99 42.87 8.67
CA SER A 236 -9.83 42.38 9.43
C SER A 236 -8.77 43.47 9.44
N THR A 237 -8.35 43.88 10.64
CA THR A 237 -7.53 45.08 10.79
C THR A 237 -6.01 44.86 10.71
N ILE A 238 -5.57 43.62 10.91
CA ILE A 238 -4.15 43.28 10.86
C ILE A 238 -3.80 42.55 9.55
N GLU A 239 -2.87 43.13 8.80
CA GLU A 239 -2.39 42.58 7.54
C GLU A 239 -1.49 41.37 7.81
N ARG A 240 -1.66 40.33 7.00
CA ARG A 240 -0.90 39.09 7.16
C ARG A 240 0.16 38.98 6.05
N PRO A 241 1.26 38.29 6.32
CA PRO A 241 2.21 38.20 5.23
C PRO A 241 1.71 37.24 4.15
N ALA A 242 2.40 37.26 3.00
CA ALA A 242 2.18 36.29 1.96
C ALA A 242 2.53 34.87 2.45
N SER A 243 1.79 33.89 1.95
CA SER A 243 2.12 32.48 2.10
C SER A 243 3.27 32.14 1.16
N LEU A 244 3.74 30.89 1.24
CA LEU A 244 4.74 30.39 0.32
C LEU A 244 4.22 30.44 -1.13
N ILE A 245 2.97 30.03 -1.32
CA ILE A 245 2.34 30.08 -2.63
C ILE A 245 1.06 30.87 -2.52
N ASN A 246 0.90 31.82 -3.43
CA ASN A 246 -0.23 32.74 -3.38
C ASN A 246 -0.96 32.85 -4.69
N ALA A 247 -2.26 33.08 -4.62
CA ALA A 247 -3.00 33.70 -5.72
C ALA A 247 -3.84 34.81 -5.11
N ILE A 248 -3.20 35.98 -4.91
CA ILE A 248 -3.81 37.11 -4.20
C ILE A 248 -3.70 38.40 -5.00
N ASP A 249 -4.86 38.99 -5.35
CA ASP A 249 -4.90 40.31 -5.95
C ASP A 249 -4.80 41.37 -4.84
N PRO A 250 -3.80 42.27 -4.93
CA PRO A 250 -3.47 43.25 -3.87
C PRO A 250 -4.68 44.03 -3.40
N ASN A 251 -5.71 44.11 -4.24
CA ASN A 251 -6.90 44.92 -3.97
C ASN A 251 -8.16 44.14 -3.63
N ASN A 252 -8.35 42.97 -4.26
CA ASN A 252 -9.67 42.39 -4.36
C ASN A 252 -9.79 40.89 -4.17
N SER A 253 -10.87 40.48 -3.52
CA SER A 253 -11.06 39.07 -3.17
C SER A 253 -12.09 38.37 -4.06
N LYS A 254 -12.79 39.13 -4.90
CA LYS A 254 -13.95 38.68 -5.68
C LYS A 254 -13.66 37.45 -6.56
N PRO A 255 -14.50 36.40 -6.42
CA PRO A 255 -14.31 35.16 -7.20
C PRO A 255 -14.37 35.39 -8.72
N GLY A 256 -13.29 35.04 -9.42
CA GLY A 256 -13.12 35.39 -10.82
C GLY A 256 -11.93 36.32 -11.04
N THR A 257 -11.36 36.85 -9.96
CA THR A 257 -10.18 37.71 -10.02
C THR A 257 -9.04 36.96 -10.69
N PHE A 258 -8.93 35.69 -10.32
CA PHE A 258 -8.11 34.73 -11.06
C PHE A 258 -9.03 33.66 -11.62
N ARG A 259 -8.53 32.85 -12.53
CA ARG A 259 -9.31 31.73 -13.00
C ARG A 259 -8.40 30.59 -13.43
N ASN A 260 -8.93 29.37 -13.32
CA ASN A 260 -8.26 28.17 -13.81
C ASN A 260 -6.82 28.03 -13.29
N ILE A 261 -6.66 27.87 -11.97
CA ILE A 261 -5.34 27.63 -11.38
C ILE A 261 -5.17 26.18 -10.89
N ARG A 262 -4.02 25.59 -11.20
CA ARG A 262 -3.77 24.16 -10.97
C ARG A 262 -2.41 23.97 -10.32
N ILE A 263 -2.36 23.16 -9.27
CA ILE A 263 -1.09 22.80 -8.62
C ILE A 263 -1.07 21.27 -8.42
N THR A 264 -0.04 20.61 -8.97
CA THR A 264 -0.09 19.15 -9.14
C THR A 264 1.29 18.54 -8.99
N GLY A 265 1.37 17.23 -9.16
CA GLY A 265 2.63 16.51 -9.12
C GLY A 265 2.81 15.90 -7.74
N SER A 266 3.62 14.85 -7.68
CA SER A 266 3.87 14.12 -6.45
C SER A 266 4.94 14.73 -5.55
N GLY A 267 5.39 15.94 -5.88
CA GLY A 267 6.42 16.63 -5.11
C GLY A 267 5.92 17.18 -3.77
N VAL A 268 6.85 17.77 -3.02
CA VAL A 268 6.61 18.25 -1.65
C VAL A 268 6.62 19.79 -1.61
N ILE A 269 5.71 20.35 -0.82
CA ILE A 269 5.77 21.77 -0.46
C ILE A 269 6.03 21.85 1.04
N ASP A 270 7.19 22.40 1.39
CA ASP A 270 7.67 22.44 2.74
C ASP A 270 7.76 23.90 3.22
N GLY A 271 7.00 24.25 4.25
CA GLY A 271 6.86 25.65 4.67
C GLY A 271 7.98 26.23 5.52
N ASN A 272 8.80 25.33 6.10
CA ASN A 272 10.03 25.64 6.81
C ASN A 272 9.75 26.35 8.14
N GLY A 273 8.59 26.02 8.72
CA GLY A 273 8.02 26.79 9.81
C GLY A 273 8.54 26.44 11.16
N TRP A 274 8.84 25.15 11.34
CA TRP A 274 9.05 24.56 12.66
C TRP A 274 10.15 23.54 12.70
N LEU A 275 10.78 23.43 13.87
CA LEU A 275 11.70 22.36 14.14
C LEU A 275 10.93 21.05 14.30
N ARG A 276 11.62 19.94 14.14
CA ARG A 276 11.04 18.63 14.39
C ARG A 276 10.78 18.43 15.89
N ALA A 277 9.89 17.49 16.22
CA ALA A 277 9.56 17.20 17.61
C ALA A 277 10.65 16.36 18.29
N LYS A 278 10.59 16.22 19.62
CA LYS A 278 11.56 15.39 20.35
C LYS A 278 11.79 14.09 19.58
N THR A 279 10.70 13.36 19.35
CA THR A 279 10.68 12.24 18.38
C THR A 279 10.28 12.81 17.03
N ALA A 280 11.26 12.89 16.13
CA ALA A 280 11.19 13.70 14.92
C ALA A 280 10.51 13.02 13.74
N GLU A 281 10.47 11.68 13.81
CA GLU A 281 9.87 10.82 12.82
C GLU A 281 9.26 9.68 13.62
N ILE A 282 8.04 9.29 13.28
CA ILE A 282 7.45 8.06 13.80
C ILE A 282 7.25 7.07 12.61
N THR A 283 7.03 5.79 12.91
CA THR A 283 6.63 4.80 11.91
C THR A 283 5.10 4.67 12.03
N ASP A 284 4.36 4.86 10.94
CA ASP A 284 2.88 4.77 10.99
C ASP A 284 2.30 3.35 10.92
N GLU A 285 0.98 3.25 10.84
CA GLU A 285 0.23 1.99 10.94
C GLU A 285 0.39 1.09 9.68
N LEU A 286 0.79 1.70 8.57
CA LEU A 286 1.26 0.98 7.39
C LEU A 286 2.77 0.67 7.44
N GLY A 287 3.43 1.16 8.48
CA GLY A 287 4.88 1.06 8.63
C GLY A 287 5.62 2.08 7.80
N ARG A 288 4.94 3.14 7.39
CA ARG A 288 5.57 4.21 6.61
C ARG A 288 6.06 5.26 7.59
N SER A 289 7.02 6.09 7.18
CA SER A 289 7.53 7.13 8.07
C SER A 289 6.67 8.41 7.98
N LEU A 290 6.28 8.95 9.14
CA LEU A 290 5.65 10.28 9.22
C LEU A 290 6.55 11.28 9.93
N PRO A 291 6.71 12.51 9.35
CA PRO A 291 7.41 13.58 10.08
C PRO A 291 6.59 14.11 11.23
N GLN A 292 7.27 14.50 12.30
CA GLN A 292 6.61 15.05 13.48
C GLN A 292 7.20 16.44 13.75
N TYR A 293 6.35 17.46 13.80
CA TYR A 293 6.78 18.83 14.00
C TYR A 293 6.42 19.26 15.41
N VAL A 294 7.31 20.07 16.01
CA VAL A 294 7.15 20.46 17.41
C VAL A 294 5.81 21.18 17.64
N ALA A 295 5.14 20.84 18.75
CA ALA A 295 3.93 21.54 19.20
C ALA A 295 4.23 22.72 20.11
N SER A 296 4.01 23.92 19.58
CA SER A 296 4.46 25.15 20.24
C SER A 296 3.32 26.05 20.71
N LYS A 297 3.67 27.14 21.37
CA LYS A 297 2.73 28.23 21.69
C LYS A 297 3.39 29.62 21.54
N ASN A 298 2.67 30.70 21.81
CA ASN A 298 3.28 32.00 21.54
C ASN A 298 4.53 32.27 22.35
N SER A 299 4.55 31.77 23.59
CA SER A 299 5.66 31.99 24.53
C SER A 299 6.84 31.05 24.32
N LYS A 300 6.66 30.04 23.47
CA LYS A 300 7.69 29.04 23.17
C LYS A 300 8.23 29.08 21.73
N VAL A 301 7.66 29.91 20.87
CA VAL A 301 8.06 29.99 19.46
C VAL A 301 9.55 30.39 19.28
N HIS A 302 10.06 31.16 20.22
CA HIS A 302 11.47 31.55 20.25
C HIS A 302 12.39 30.30 20.34
N GLU A 303 11.87 29.21 20.92
CA GLU A 303 12.56 27.91 20.95
C GLU A 303 12.22 26.97 19.77
N ASP A 304 10.97 26.99 19.31
CA ASP A 304 10.45 25.93 18.43
C ASP A 304 10.45 26.24 16.94
N GLY A 305 10.37 27.52 16.58
CA GLY A 305 10.12 27.88 15.19
C GLY A 305 11.38 27.93 14.37
N ILE A 306 11.19 28.02 13.07
CA ILE A 306 12.26 28.34 12.14
C ILE A 306 11.76 29.60 11.42
N LEU A 307 11.01 29.45 10.32
CA LEU A 307 10.29 30.59 9.75
C LEU A 307 9.35 31.27 10.75
N ALA A 308 8.67 30.48 11.58
CA ALA A 308 7.73 31.00 12.55
C ALA A 308 8.39 31.77 13.70
N LYS A 309 9.59 31.30 14.12
CA LYS A 309 10.44 32.01 15.10
C LYS A 309 10.77 33.41 14.59
N ASN A 310 11.31 33.48 13.37
CA ASN A 310 11.82 34.69 12.75
C ASN A 310 10.76 35.74 12.45
N GLN A 311 9.58 35.29 11.99
CA GLN A 311 8.46 36.18 11.72
C GLN A 311 7.85 36.76 13.00
N VAL A 312 7.75 35.97 14.07
CA VAL A 312 7.25 36.48 15.36
C VAL A 312 8.24 37.48 16.00
N GLU A 313 9.53 37.15 16.00
CA GLU A 313 10.57 38.07 16.46
C GLU A 313 10.59 39.41 15.67
N LYS A 314 10.43 39.35 14.35
CA LYS A 314 10.37 40.55 13.52
C LYS A 314 9.13 41.41 13.81
N ALA A 315 7.97 40.77 13.94
CA ALA A 315 6.71 41.45 14.24
C ALA A 315 6.75 42.19 15.58
N VAL A 316 7.35 41.56 16.59
CA VAL A 316 7.47 42.11 17.96
C VAL A 316 8.42 43.36 18.06
N SER A 317 9.52 43.34 17.31
CA SER A 317 10.45 44.46 17.29
C SER A 317 9.86 45.65 16.55
N ASP A 318 8.89 45.35 15.68
CA ASP A 318 8.11 46.33 14.93
C ASP A 318 6.91 46.89 15.69
N GLY A 319 6.64 46.36 16.86
CA GLY A 319 5.67 46.97 17.74
C GLY A 319 4.52 46.14 18.24
N MET A 320 4.28 44.99 17.59
CA MET A 320 3.16 44.10 17.96
C MET A 320 3.41 43.46 19.29
N ASP A 321 2.37 43.19 20.06
CA ASP A 321 2.60 42.29 21.18
C ASP A 321 2.74 40.86 20.63
N LEU A 322 3.25 39.97 21.47
CA LEU A 322 3.41 38.56 21.15
C LEU A 322 2.13 37.89 20.69
N LYS A 323 1.03 38.07 21.45
CA LYS A 323 -0.25 37.46 21.10
C LYS A 323 -0.60 37.68 19.61
N ASN A 324 -0.60 38.96 19.19
CA ASN A 324 -0.90 39.32 17.80
C ASN A 324 0.16 38.92 16.78
N ALA A 325 1.43 38.92 17.21
CA ALA A 325 2.52 38.58 16.32
C ALA A 325 2.47 37.07 15.97
N TYR A 326 2.25 36.26 16.99
CA TYR A 326 2.03 34.83 16.82
C TYR A 326 0.74 34.48 16.05
N GLY A 327 -0.35 35.17 16.37
CA GLY A 327 -1.66 34.91 15.76
C GLY A 327 -1.86 35.38 14.32
N GLN A 328 -1.07 36.36 13.89
CA GLN A 328 -1.33 36.99 12.58
C GLN A 328 -0.16 37.01 11.60
N ARG A 329 1.06 36.92 12.10
CA ARG A 329 2.23 37.24 11.29
C ARG A 329 3.10 36.06 10.82
N ARG A 330 2.67 34.83 11.09
CA ARG A 330 3.35 33.65 10.50
C ARG A 330 2.75 33.36 9.13
N SER A 331 3.59 33.06 8.14
CA SER A 331 3.13 32.70 6.80
C SER A 331 2.47 31.31 6.72
N SER A 332 1.24 31.28 6.23
CA SER A 332 0.58 30.04 5.85
C SER A 332 1.29 29.42 4.65
N LEU A 333 0.97 28.17 4.35
CA LEU A 333 1.64 27.50 3.25
C LEU A 333 1.12 27.95 1.88
N MET A 334 -0.19 28.09 1.75
CA MET A 334 -0.80 28.40 0.47
C MET A 334 -2.06 29.22 0.71
N THR A 335 -2.21 30.31 -0.01
CA THR A 335 -3.40 31.14 0.12
C THR A 335 -3.89 31.55 -1.25
N LEU A 336 -5.00 30.97 -1.68
CA LEU A 336 -5.54 31.25 -2.99
C LEU A 336 -6.85 31.95 -2.77
N ARG A 337 -6.93 33.17 -3.29
CA ARG A 337 -8.08 34.04 -3.03
C ARG A 337 -8.70 34.58 -4.34
N GLY A 338 -10.01 34.56 -4.41
CA GLY A 338 -10.75 35.01 -5.59
C GLY A 338 -10.68 34.14 -6.82
N VAL A 339 -10.21 32.90 -6.68
CA VAL A 339 -9.98 32.03 -7.84
C VAL A 339 -11.25 31.31 -8.31
N GLU A 340 -11.46 31.36 -9.63
CA GLU A 340 -12.53 30.65 -10.28
C GLU A 340 -11.92 29.44 -10.98
N ASN A 341 -12.22 28.23 -10.48
CA ASN A 341 -11.63 26.93 -10.91
C ASN A 341 -10.22 26.62 -10.38
N VAL A 342 -10.13 25.90 -9.27
CA VAL A 342 -8.82 25.45 -8.74
C VAL A 342 -8.70 23.92 -8.77
N TYR A 343 -7.49 23.43 -9.02
CA TYR A 343 -7.23 22.00 -8.95
C TYR A 343 -5.90 21.73 -8.29
N LEU A 344 -5.98 21.19 -7.09
CA LEU A 344 -4.80 20.74 -6.30
C LEU A 344 -4.72 19.22 -6.35
N ALA A 345 -3.55 18.66 -6.61
CA ALA A 345 -3.43 17.21 -6.79
C ALA A 345 -2.04 16.64 -6.50
N GLY A 346 -1.99 15.46 -5.90
CA GLY A 346 -0.75 14.67 -5.72
C GLY A 346 0.29 15.13 -4.71
N PHE A 347 0.31 16.43 -4.43
CA PHE A 347 1.43 16.97 -3.67
C PHE A 347 1.36 16.70 -2.19
N THR A 348 2.53 16.68 -1.56
CA THR A 348 2.66 16.54 -0.11
C THR A 348 2.88 17.92 0.53
N VAL A 349 2.24 18.15 1.67
CA VAL A 349 2.38 19.38 2.45
C VAL A 349 3.10 19.04 3.74
N ARG A 350 4.18 19.77 4.00
CA ARG A 350 4.89 19.61 5.24
C ARG A 350 5.13 20.94 5.93
N ASN A 351 5.19 20.94 7.26
CA ASN A 351 5.82 22.01 8.03
C ASN A 351 5.38 23.48 7.73
N PRO A 352 4.06 23.79 7.85
CA PRO A 352 3.66 25.17 7.54
C PRO A 352 4.04 26.05 8.72
N ALA A 353 4.40 27.30 8.46
CA ALA A 353 4.65 28.24 9.56
C ALA A 353 3.36 28.64 10.29
N PHE A 354 2.23 28.63 9.59
CA PHE A 354 0.93 28.94 10.18
C PHE A 354 -0.06 27.86 9.68
N HIS A 355 -0.94 28.20 8.74
CA HIS A 355 -1.93 27.27 8.19
C HIS A 355 -1.36 26.50 7.01
N GLY A 356 -2.06 25.45 6.58
CA GLY A 356 -1.67 24.64 5.41
C GLY A 356 -2.20 25.31 4.15
N ILE A 357 -3.25 24.72 3.58
CA ILE A 357 -3.87 25.23 2.35
C ILE A 357 -5.12 26.08 2.62
N MET A 358 -5.11 27.33 2.13
CA MET A 358 -6.22 28.26 2.32
C MET A 358 -6.87 28.61 0.99
N ASN A 359 -8.20 28.52 0.96
CA ASN A 359 -9.02 28.95 -0.16
C ASN A 359 -9.93 30.01 0.35
N LEU A 360 -9.80 31.21 -0.20
CA LEU A 360 -10.59 32.34 0.25
C LEU A 360 -11.39 32.88 -0.93
N GLU A 361 -12.72 32.86 -0.80
N GLU A 361 -12.71 32.88 -0.79
CA GLU A 361 -13.57 33.38 -1.84
CA GLU A 361 -13.61 33.37 -1.85
C GLU A 361 -13.35 32.72 -3.22
C GLU A 361 -13.38 32.71 -3.21
N ASN A 362 -13.15 31.40 -3.21
CA ASN A 362 -13.01 30.63 -4.44
C ASN A 362 -14.31 29.96 -4.86
N HIS A 363 -14.41 29.69 -6.17
CA HIS A 363 -15.44 28.81 -6.67
C HIS A 363 -14.75 27.66 -7.36
N ASN A 364 -15.40 26.50 -7.33
CA ASN A 364 -14.99 25.31 -8.07
C ASN A 364 -13.57 24.84 -7.75
N VAL A 365 -13.34 24.50 -6.49
CA VAL A 365 -12.04 24.04 -6.00
C VAL A 365 -12.10 22.52 -5.89
N VAL A 366 -11.01 21.87 -6.30
CA VAL A 366 -10.87 20.41 -6.15
C VAL A 366 -9.53 20.09 -5.50
N ALA A 367 -9.55 19.29 -4.42
CA ALA A 367 -8.33 18.72 -3.87
C ALA A 367 -8.29 17.19 -3.98
N ASN A 368 -7.43 16.69 -4.85
CA ASN A 368 -7.38 15.28 -5.18
C ASN A 368 -6.03 14.66 -4.77
N GLY A 369 -6.05 13.85 -3.71
CA GLY A 369 -4.90 13.01 -3.40
C GLY A 369 -3.72 13.72 -2.83
N LEU A 370 -3.99 14.77 -2.06
CA LEU A 370 -2.92 15.47 -1.37
C LEU A 370 -2.53 14.68 -0.12
N ILE A 371 -1.28 14.83 0.30
CA ILE A 371 -0.80 14.18 1.49
C ILE A 371 -0.36 15.30 2.45
N HIS A 372 -1.08 15.47 3.57
CA HIS A 372 -0.79 16.51 4.56
C HIS A 372 -0.05 15.87 5.70
N GLN A 373 1.18 16.29 5.95
CA GLN A 373 1.98 15.77 7.02
C GLN A 373 2.54 16.96 7.82
N THR A 374 1.71 17.47 8.73
CA THR A 374 1.99 18.72 9.41
C THR A 374 1.71 18.61 10.91
N TYR A 375 1.64 17.39 11.43
CA TYR A 375 1.49 17.17 12.86
C TYR A 375 2.85 17.44 13.45
N ASP A 376 2.94 18.25 14.52
CA ASP A 376 1.81 18.93 15.16
C ASP A 376 2.04 20.46 15.11
N ALA A 377 2.18 21.00 13.90
CA ALA A 377 2.40 22.41 13.69
C ALA A 377 1.21 23.26 14.17
N ASN A 378 1.45 24.13 15.15
CA ASN A 378 0.39 24.96 15.75
C ASN A 378 -0.37 25.76 14.69
N ASN A 379 -1.69 25.56 14.66
CA ASN A 379 -2.62 26.12 13.67
C ASN A 379 -2.42 25.59 12.25
N GLY A 380 -1.70 24.49 12.13
CA GLY A 380 -1.43 23.93 10.81
C GLY A 380 -2.57 23.04 10.36
N ASP A 381 -3.69 23.66 10.00
CA ASP A 381 -4.83 22.89 9.51
C ASP A 381 -4.56 22.44 8.08
N GLY A 382 -5.23 21.37 7.65
CA GLY A 382 -4.96 20.78 6.35
C GLY A 382 -5.44 21.66 5.21
N ILE A 383 -6.76 21.82 5.10
CA ILE A 383 -7.34 22.70 4.10
C ILE A 383 -8.39 23.58 4.75
N GLU A 384 -8.24 24.89 4.60
CA GLU A 384 -9.30 25.83 4.97
C GLU A 384 -10.13 26.19 3.75
N PHE A 385 -11.45 26.11 3.89
CA PHE A 385 -12.39 26.64 2.91
C PHE A 385 -13.08 27.86 3.54
N GLY A 386 -12.91 29.03 2.91
CA GLY A 386 -13.40 30.28 3.49
C GLY A 386 -14.24 31.10 2.52
N ASN A 387 -15.53 31.25 2.84
CA ASN A 387 -16.48 31.98 1.98
C ASN A 387 -16.39 31.53 0.53
N SER A 388 -16.23 30.22 0.36
CA SER A 388 -16.05 29.60 -0.95
C SER A 388 -17.30 28.83 -1.39
N GLN A 389 -17.32 28.40 -2.63
CA GLN A 389 -18.51 27.72 -3.13
C GLN A 389 -18.18 26.59 -4.07
N ASN A 390 -18.91 25.48 -3.90
CA ASN A 390 -18.71 24.28 -4.74
C ASN A 390 -17.26 23.74 -4.63
N VAL A 391 -16.94 23.13 -3.50
CA VAL A 391 -15.61 22.56 -3.23
C VAL A 391 -15.64 21.03 -3.00
N MET A 392 -14.52 20.37 -3.24
CA MET A 392 -14.48 18.92 -3.25
C MET A 392 -13.12 18.46 -2.78
N VAL A 393 -13.09 17.50 -1.84
CA VAL A 393 -11.86 16.90 -1.37
C VAL A 393 -12.02 15.37 -1.35
N PHE A 394 -11.18 14.69 -2.14
CA PHE A 394 -11.19 13.23 -2.15
C PHE A 394 -9.78 12.67 -2.29
N ASN A 395 -9.62 11.42 -1.83
CA ASN A 395 -8.33 10.70 -1.82
C ASN A 395 -7.20 11.33 -1.03
N ASN A 396 -7.52 12.27 -0.16
CA ASN A 396 -6.53 12.96 0.65
C ASN A 396 -6.09 12.09 1.81
N PHE A 397 -4.82 12.18 2.19
CA PHE A 397 -4.35 11.68 3.49
C PHE A 397 -4.17 12.90 4.41
N PHE A 398 -4.75 12.86 5.61
CA PHE A 398 -4.63 13.99 6.58
C PHE A 398 -3.95 13.53 7.86
N ASP A 399 -2.82 14.18 8.19
CA ASP A 399 -2.16 14.07 9.50
C ASP A 399 -1.65 15.51 9.80
N THR A 400 -2.44 16.26 10.56
CA THR A 400 -2.33 17.71 10.56
C THR A 400 -2.12 18.25 11.97
N GLY A 401 -1.57 19.46 12.07
CA GLY A 401 -1.33 20.11 13.34
C GLY A 401 -2.60 20.67 13.93
N ASP A 402 -3.60 20.91 13.09
CA ASP A 402 -4.89 21.45 13.55
C ASP A 402 -6.05 20.73 12.85
N ASP A 403 -7.14 21.45 12.55
CA ASP A 403 -8.31 20.83 11.94
C ASP A 403 -7.86 20.24 10.62
N CYS A 404 -8.44 19.13 10.21
CA CYS A 404 -8.11 18.54 8.92
C CYS A 404 -8.76 19.32 7.79
N ILE A 405 -10.09 19.38 7.77
CA ILE A 405 -10.79 20.23 6.83
C ILE A 405 -11.63 21.21 7.66
N ASN A 406 -11.39 22.49 7.43
CA ASN A 406 -12.10 23.53 8.16
C ASN A 406 -12.94 24.37 7.20
N PHE A 407 -14.13 24.74 7.65
CA PHE A 407 -14.99 25.67 6.87
C PHE A 407 -15.21 26.95 7.64
N ALA A 408 -14.97 28.07 6.98
CA ALA A 408 -15.09 29.38 7.62
C ALA A 408 -16.02 30.27 6.78
N ALA A 409 -16.79 31.13 7.44
CA ALA A 409 -17.68 32.05 6.74
C ALA A 409 -17.71 33.49 7.27
N GLY A 410 -16.67 33.88 8.01
CA GLY A 410 -16.55 35.23 8.53
C GLY A 410 -17.05 35.32 9.95
N THR A 411 -16.99 36.51 10.53
CA THR A 411 -17.34 36.67 11.94
C THR A 411 -18.06 37.99 12.22
N GLY A 412 -19.19 37.89 12.91
CA GLY A 412 -19.94 39.05 13.39
C GLY A 412 -20.90 39.63 12.37
N GLU A 413 -21.23 40.91 12.56
CA GLU A 413 -22.28 41.59 11.79
C GLU A 413 -21.88 41.90 10.34
N LYS A 414 -20.61 42.24 10.13
CA LYS A 414 -20.12 42.61 8.79
C LYS A 414 -19.97 41.41 7.84
N ALA A 415 -20.24 40.20 8.36
CA ALA A 415 -19.94 38.94 7.66
C ALA A 415 -20.56 38.80 6.26
N GLN A 416 -21.83 39.17 6.14
CA GLN A 416 -22.57 39.05 4.85
C GLN A 416 -22.08 39.97 3.71
N GLU A 417 -21.09 40.82 3.97
CA GLU A 417 -20.31 41.50 2.89
C GLU A 417 -19.70 40.47 1.92
N GLN A 418 -19.85 39.18 2.28
CA GLN A 418 -19.20 38.06 1.61
C GLN A 418 -20.20 36.90 1.44
N GLU A 419 -19.95 36.08 0.43
CA GLU A 419 -20.70 34.85 0.14
C GLU A 419 -20.80 33.90 1.33
N PRO A 420 -21.90 33.12 1.41
CA PRO A 420 -21.82 32.05 2.38
C PRO A 420 -20.81 30.98 1.89
N MET A 421 -20.21 30.24 2.85
CA MET A 421 -19.45 29.04 2.54
C MET A 421 -20.47 27.95 2.16
N LYS A 422 -20.65 27.74 0.85
CA LYS A 422 -21.77 26.93 0.33
C LYS A 422 -21.35 25.84 -0.66
N GLY A 423 -21.59 24.57 -0.33
CA GLY A 423 -21.30 23.46 -1.25
C GLY A 423 -19.95 22.77 -1.08
N ALA A 424 -19.91 21.76 -0.20
CA ALA A 424 -18.67 20.98 0.01
C ALA A 424 -18.92 19.48 -0.10
N TRP A 425 -18.05 18.76 -0.78
CA TRP A 425 -18.26 17.32 -0.88
C TRP A 425 -16.95 16.63 -0.49
N LEU A 426 -16.98 15.93 0.62
CA LEU A 426 -15.73 15.39 1.18
C LEU A 426 -15.83 13.88 1.23
N PHE A 427 -15.14 13.19 0.31
CA PHE A 427 -15.28 11.75 0.17
C PHE A 427 -13.95 11.00 -0.07
N ASN A 428 -13.92 9.72 0.30
CA ASN A 428 -12.77 8.84 0.07
C ASN A 428 -11.44 9.37 0.64
N ASN A 429 -11.52 10.01 1.80
CA ASN A 429 -10.33 10.53 2.49
C ASN A 429 -10.00 9.66 3.63
N TYR A 430 -8.71 9.65 3.96
CA TYR A 430 -8.24 9.04 5.20
C TYR A 430 -7.77 10.12 6.19
N PHE A 431 -8.46 10.27 7.31
CA PHE A 431 -8.05 11.24 8.33
C PHE A 431 -7.27 10.49 9.39
N ARG A 432 -6.02 10.88 9.62
CA ARG A 432 -5.27 10.36 10.75
C ARG A 432 -5.39 11.39 11.88
N MET A 433 -4.29 11.91 12.38
CA MET A 433 -4.38 12.91 13.47
C MET A 433 -4.81 14.28 12.98
N GLY A 434 -5.41 15.03 13.88
CA GLY A 434 -5.90 16.38 13.58
C GLY A 434 -7.01 16.70 14.56
N HIS A 435 -7.42 17.96 14.61
CA HIS A 435 -8.32 18.44 15.64
C HIS A 435 -9.77 18.14 15.31
N GLY A 436 -10.01 17.69 14.08
CA GLY A 436 -11.35 17.31 13.68
C GLY A 436 -11.34 17.04 12.20
N ALA A 437 -11.95 15.94 11.79
CA ALA A 437 -12.00 15.58 10.38
C ALA A 437 -12.75 16.66 9.60
N ILE A 438 -13.98 16.90 10.03
CA ILE A 438 -14.86 17.87 9.38
C ILE A 438 -15.25 18.92 10.40
N VAL A 439 -14.80 20.14 10.17
CA VAL A 439 -14.96 21.22 11.13
C VAL A 439 -15.70 22.40 10.50
N THR A 440 -16.86 22.75 11.08
CA THR A 440 -17.65 23.92 10.68
C THR A 440 -17.88 24.87 11.88
N GLY A 441 -17.18 25.98 12.04
CA GLY A 441 -15.79 26.19 11.71
C GLY A 441 -15.32 27.10 12.84
N SER A 442 -16.29 27.62 13.58
CA SER A 442 -16.20 28.74 14.58
C SER A 442 -16.47 30.09 13.93
N HIS A 443 -15.76 30.38 12.84
CA HIS A 443 -16.11 31.49 11.93
C HIS A 443 -17.34 31.09 11.11
N THR A 444 -18.54 31.35 11.63
CA THR A 444 -19.78 30.95 10.96
C THR A 444 -20.65 32.10 10.42
N GLY A 445 -20.08 33.31 10.44
CA GLY A 445 -20.72 34.56 10.00
C GLY A 445 -21.67 34.56 8.82
N ALA A 446 -21.17 34.35 7.61
CA ALA A 446 -22.04 34.38 6.42
C ALA A 446 -22.81 33.08 6.16
N TRP A 447 -22.73 32.14 7.10
CA TRP A 447 -23.33 30.79 6.98
C TRP A 447 -22.40 29.76 6.33
N ILE A 448 -22.31 28.60 6.95
CA ILE A 448 -21.69 27.43 6.36
C ILE A 448 -22.79 26.44 6.02
N GLU A 449 -22.83 25.95 4.78
CA GLU A 449 -24.00 25.21 4.36
C GLU A 449 -23.76 24.27 3.18
N ASP A 450 -24.64 23.28 3.07
CA ASP A 450 -24.63 22.30 1.97
C ASP A 450 -23.33 21.52 1.96
N ILE A 451 -23.01 20.90 3.10
CA ILE A 451 -21.77 20.15 3.33
C ILE A 451 -22.09 18.65 3.39
N LEU A 452 -21.46 17.85 2.53
CA LEU A 452 -21.61 16.38 2.55
C LEU A 452 -20.29 15.60 2.72
N ALA A 453 -20.12 14.96 3.88
CA ALA A 453 -18.93 14.15 4.17
C ALA A 453 -19.27 12.64 4.23
N GLU A 454 -18.92 11.91 3.16
CA GLU A 454 -19.31 10.50 3.04
C GLU A 454 -18.15 9.64 2.62
N ASN A 455 -18.15 8.40 3.07
CA ASN A 455 -17.26 7.35 2.57
C ASN A 455 -15.81 7.70 2.88
N ASN A 456 -15.59 8.07 4.14
CA ASN A 456 -14.31 8.48 4.67
C ASN A 456 -13.97 7.55 5.82
N VAL A 457 -12.69 7.43 6.10
CA VAL A 457 -12.21 6.67 7.26
C VAL A 457 -11.38 7.61 8.16
N MET A 458 -11.61 7.53 9.47
CA MET A 458 -10.85 8.32 10.44
C MET A 458 -10.17 7.41 11.46
N TYR A 459 -8.87 7.58 11.62
CA TYR A 459 -8.11 6.80 12.59
C TYR A 459 -7.22 7.74 13.40
N LEU A 460 -7.46 7.83 14.71
CA LEU A 460 -6.67 8.65 15.69
C LEU A 460 -6.99 10.14 15.70
N THR A 461 -7.92 10.55 14.82
CA THR A 461 -8.36 11.95 14.72
C THR A 461 -9.02 12.32 16.06
N ASP A 462 -9.06 13.61 16.42
CA ASP A 462 -9.66 14.02 17.68
C ASP A 462 -11.19 13.84 17.66
N ILE A 463 -11.81 14.29 16.57
CA ILE A 463 -13.24 14.43 16.47
C ILE A 463 -13.63 14.10 15.03
N GLY A 464 -14.77 13.45 14.84
CA GLY A 464 -15.31 13.27 13.49
C GLY A 464 -15.93 14.55 12.92
N LEU A 465 -17.00 15.00 13.55
CA LEU A 465 -17.71 16.17 13.09
C LEU A 465 -17.70 17.18 14.22
N ARG A 466 -17.11 18.35 13.95
N ARG A 466 -17.18 18.35 13.89
CA ARG A 466 -16.97 19.42 14.95
CA ARG A 466 -16.92 19.43 14.83
C ARG A 466 -17.61 20.71 14.45
C ARG A 466 -17.72 20.65 14.34
N ALA A 467 -18.63 21.16 15.17
CA ALA A 467 -19.40 22.37 14.81
C ALA A 467 -19.31 23.31 15.98
N LYS A 468 -18.59 24.40 15.78
CA LYS A 468 -18.28 25.38 16.83
C LYS A 468 -18.68 26.78 16.39
N SER A 469 -19.26 27.55 17.32
CA SER A 469 -19.50 28.98 17.09
C SER A 469 -19.61 29.69 18.43
N THR A 470 -19.85 31.01 18.37
CA THR A 470 -20.37 31.78 19.53
C THR A 470 -21.54 32.64 19.05
N SER A 471 -22.33 33.15 19.99
CA SER A 471 -23.46 34.02 19.68
C SER A 471 -23.06 35.35 19.02
N THR A 472 -21.89 35.87 19.37
CA THR A 472 -21.38 37.11 18.76
C THR A 472 -20.95 36.97 17.29
N ILE A 473 -20.51 35.77 16.90
CA ILE A 473 -20.12 35.51 15.49
C ILE A 473 -21.32 35.52 14.53
N GLY A 474 -22.46 35.07 15.03
CA GLY A 474 -23.67 35.03 14.22
C GLY A 474 -23.59 33.96 13.15
N GLY A 475 -24.54 34.00 12.23
CA GLY A 475 -24.64 32.99 11.18
C GLY A 475 -24.85 31.60 11.77
N GLY A 476 -24.00 30.66 11.38
CA GLY A 476 -24.10 29.29 11.83
C GLY A 476 -23.82 28.32 10.70
N ALA A 477 -24.19 27.07 10.90
CA ALA A 477 -24.07 26.03 9.88
C ALA A 477 -25.40 25.29 9.76
N ARG A 478 -25.74 24.98 8.53
CA ARG A 478 -26.98 24.30 8.23
C ARG A 478 -26.77 23.36 7.06
N ASN A 479 -27.68 22.40 6.94
CA ASN A 479 -27.63 21.35 5.92
C ASN A 479 -26.24 20.70 5.79
N VAL A 480 -25.79 20.12 6.92
CA VAL A 480 -24.51 19.42 7.02
C VAL A 480 -24.83 17.93 7.23
N THR A 481 -24.31 17.08 6.33
CA THR A 481 -24.52 15.63 6.39
C THR A 481 -23.21 14.91 6.61
N PHE A 482 -23.19 14.01 7.59
CA PHE A 482 -22.00 13.25 7.93
C PHE A 482 -22.42 11.78 7.96
N ARG A 483 -22.07 11.06 6.91
CA ARG A 483 -22.64 9.71 6.70
C ARG A 483 -21.65 8.72 6.08
N ASN A 484 -21.95 7.43 6.23
CA ASN A 484 -21.16 6.40 5.58
C ASN A 484 -19.67 6.60 5.84
N ASN A 485 -19.36 6.83 7.11
CA ASN A 485 -17.99 7.05 7.57
C ASN A 485 -17.68 6.05 8.65
N ALA A 486 -16.45 5.55 8.65
CA ALA A 486 -15.99 4.65 9.69
C ALA A 486 -14.84 5.24 10.47
N MET A 487 -14.87 5.07 11.80
CA MET A 487 -13.91 5.74 12.66
C MET A 487 -13.38 4.85 13.77
N ARG A 488 -12.11 5.01 14.11
CA ARG A 488 -11.48 4.13 15.10
C ARG A 488 -10.48 4.90 15.93
N ASP A 489 -10.55 4.73 17.25
CA ASP A 489 -9.56 5.33 18.15
C ASP A 489 -9.56 6.87 18.09
N LEU A 490 -10.76 7.46 17.99
CA LEU A 490 -10.89 8.89 18.08
C LEU A 490 -10.31 9.35 19.41
N ALA A 491 -9.61 10.48 19.42
CA ALA A 491 -8.92 10.90 20.64
C ALA A 491 -9.82 11.68 21.59
N LYS A 492 -10.91 12.26 21.10
CA LYS A 492 -11.81 13.02 21.99
C LYS A 492 -13.27 12.62 21.88
N GLN A 493 -13.92 13.01 20.79
CA GLN A 493 -15.36 12.88 20.67
C GLN A 493 -15.78 12.51 19.26
N VAL A 494 -16.97 11.95 19.13
CA VAL A 494 -17.56 11.58 17.84
C VAL A 494 -18.13 12.82 17.11
N MET A 495 -19.01 13.55 17.80
CA MET A 495 -19.59 14.76 17.26
C MET A 495 -19.70 15.81 18.36
N VAL A 496 -19.36 17.05 18.02
CA VAL A 496 -19.61 18.20 18.90
C VAL A 496 -20.29 19.32 18.13
N MET A 497 -21.22 19.99 18.81
CA MET A 497 -21.93 21.15 18.34
C MET A 497 -22.01 22.09 19.53
N THR A 498 -21.06 23.00 19.67
CA THR A 498 -21.09 23.98 20.75
C THR A 498 -21.46 25.35 20.24
N LEU A 499 -22.24 26.08 21.06
CA LEU A 499 -22.71 27.43 20.76
C LEU A 499 -22.57 28.26 22.04
N ASP A 500 -21.57 29.12 22.07
CA ASP A 500 -21.23 29.84 23.29
C ASP A 500 -21.67 31.34 23.27
N TYR A 501 -22.90 31.61 23.78
CA TYR A 501 -23.50 32.97 23.89
C TYR A 501 -22.78 33.94 24.81
N ALA A 502 -22.58 35.17 24.35
CA ALA A 502 -21.60 36.08 24.98
C ALA A 502 -22.22 37.12 25.89
N ASP A 503 -21.82 38.37 25.67
CA ASP A 503 -22.09 39.00 24.39
C ASP A 503 -21.44 40.38 24.37
N SER A 504 -21.71 41.15 25.41
CA SER A 504 -21.20 42.52 25.63
C SER A 504 -21.22 43.01 27.11
N ASN A 505 -20.31 42.53 27.98
CA ASN A 505 -19.22 41.56 27.69
C ASN A 505 -18.45 41.83 26.38
N ALA A 506 -17.96 43.07 26.27
CA ALA A 506 -17.66 43.72 24.98
C ALA A 506 -16.51 43.18 24.13
N ASN A 507 -15.67 42.30 24.68
CA ASN A 507 -14.41 41.87 24.05
C ASN A 507 -14.53 41.24 22.64
N ILE A 508 -14.80 42.09 21.65
CA ILE A 508 -15.01 41.68 20.26
C ILE A 508 -14.18 42.54 19.28
N ASP A 509 -13.40 41.89 18.43
CA ASP A 509 -12.47 42.56 17.49
C ASP A 509 -13.15 43.05 16.19
N TYR A 510 -14.41 42.64 16.00
CA TYR A 510 -15.22 42.93 14.83
C TYR A 510 -16.56 43.40 15.40
N PRO A 511 -17.44 44.06 14.60
CA PRO A 511 -18.79 44.31 15.13
C PRO A 511 -19.54 43.01 15.48
N PRO A 512 -20.01 42.88 16.74
CA PRO A 512 -20.84 41.76 17.21
C PRO A 512 -22.03 41.45 16.31
N ALA A 513 -22.57 40.24 16.40
CA ALA A 513 -23.75 39.88 15.62
C ALA A 513 -25.07 40.22 16.34
N LYS A 514 -25.98 40.84 15.60
CA LYS A 514 -27.34 41.16 16.07
C LYS A 514 -28.25 39.93 16.07
N ILE A 515 -28.39 39.28 14.91
CA ILE A 515 -29.00 37.95 14.82
C ILE A 515 -27.95 36.87 15.18
N PRO A 516 -28.17 36.15 16.29
CA PRO A 516 -27.16 35.23 16.86
C PRO A 516 -26.92 33.91 16.08
N ALA A 517 -25.85 33.21 16.46
CA ALA A 517 -25.41 32.00 15.76
C ALA A 517 -26.26 30.79 16.15
N GLN A 518 -26.37 29.85 15.22
CA GLN A 518 -27.20 28.66 15.39
C GLN A 518 -26.80 27.53 14.44
N PHE A 519 -26.89 26.31 14.94
CA PHE A 519 -26.72 25.11 14.14
C PHE A 519 -28.04 24.38 14.01
N TYR A 520 -28.42 24.05 12.78
CA TYR A 520 -29.63 23.30 12.52
C TYR A 520 -29.56 22.48 11.23
N ASP A 521 -30.36 21.42 11.17
CA ASP A 521 -30.42 20.56 9.99
C ASP A 521 -29.06 19.85 9.81
N PHE A 522 -28.72 19.06 10.82
CA PHE A 522 -27.52 18.19 10.83
C PHE A 522 -27.98 16.76 10.81
N THR A 523 -27.34 15.98 9.97
CA THR A 523 -27.62 14.57 9.82
C THR A 523 -26.37 13.73 10.06
N LEU A 524 -26.48 12.84 11.06
CA LEU A 524 -25.51 11.78 11.33
C LEU A 524 -26.17 10.42 11.05
N LYS A 525 -25.67 9.72 10.04
CA LYS A 525 -26.28 8.49 9.53
C LYS A 525 -25.22 7.47 9.11
N ASN A 526 -25.45 6.19 9.41
CA ASN A 526 -24.60 5.09 8.95
C ASN A 526 -23.14 5.30 9.33
N VAL A 527 -22.89 5.51 10.63
CA VAL A 527 -21.57 5.87 11.16
C VAL A 527 -21.24 4.91 12.30
N THR A 528 -20.04 4.35 12.26
CA THR A 528 -19.57 3.44 13.27
C THR A 528 -18.29 4.01 13.86
N VAL A 529 -18.21 4.01 15.18
CA VAL A 529 -16.97 4.34 15.88
C VAL A 529 -16.63 3.19 16.80
N ASP A 530 -15.39 2.70 16.69
CA ASP A 530 -14.82 1.80 17.66
C ASP A 530 -13.72 2.52 18.44
N ASN A 531 -13.99 2.76 19.72
N ASN A 531 -14.01 2.78 19.72
CA ASN A 531 -13.06 3.39 20.65
CA ASN A 531 -13.08 3.35 20.71
C ASN A 531 -12.98 4.90 20.50
C ASN A 531 -12.81 4.83 20.57
N SER A 532 -13.15 5.57 21.64
CA SER A 532 -12.87 6.99 21.77
C SER A 532 -12.16 7.04 23.11
N THR A 533 -10.90 7.46 23.09
CA THR A 533 -10.02 7.37 24.25
C THR A 533 -10.01 8.66 25.09
N GLY A 534 -10.83 9.64 24.71
CA GLY A 534 -10.97 10.87 25.49
C GLY A 534 -11.84 10.68 26.71
N LYS A 535 -12.22 11.80 27.35
CA LYS A 535 -13.11 11.75 28.50
C LYS A 535 -14.32 12.66 28.40
N ASN A 536 -14.37 13.48 27.36
CA ASN A 536 -15.56 14.29 27.19
C ASN A 536 -16.62 13.46 26.47
N PRO A 537 -17.88 13.98 26.39
CA PRO A 537 -18.97 13.15 25.92
C PRO A 537 -18.77 12.70 24.47
N SER A 538 -19.19 11.48 24.16
CA SER A 538 -19.08 10.95 22.80
C SER A 538 -19.82 11.83 21.79
N ILE A 539 -21.07 12.14 22.10
CA ILE A 539 -21.86 13.10 21.33
C ILE A 539 -22.13 14.26 22.31
N GLU A 540 -21.76 15.46 21.90
CA GLU A 540 -21.88 16.60 22.78
C GLU A 540 -22.42 17.81 22.08
N ILE A 541 -23.62 18.18 22.49
CA ILE A 541 -24.36 19.31 21.95
C ILE A 541 -24.54 20.27 23.14
N LYS A 542 -24.17 21.53 22.95
CA LYS A 542 -24.35 22.57 23.98
C LYS A 542 -24.56 23.96 23.36
N GLY A 543 -25.63 24.63 23.78
CA GLY A 543 -25.90 25.99 23.34
C GLY A 543 -25.88 26.96 24.50
N ASP A 544 -26.92 27.79 24.58
CA ASP A 544 -27.22 28.63 25.74
C ASP A 544 -28.71 28.97 25.71
N THR A 545 -29.55 28.03 26.16
CA THR A 545 -31.03 28.17 26.04
C THR A 545 -31.59 29.30 26.93
N ALA A 546 -30.93 29.55 28.06
CA ALA A 546 -31.20 30.74 28.87
C ALA A 546 -31.25 31.98 27.97
N ASN A 547 -30.29 32.04 27.03
CA ASN A 547 -30.14 33.19 26.14
C ASN A 547 -30.62 32.92 24.71
N LYS A 548 -31.66 32.09 24.61
CA LYS A 548 -32.33 31.71 23.35
C LYS A 548 -31.44 31.00 22.31
N ALA A 549 -30.18 30.75 22.67
CA ALA A 549 -29.23 30.03 21.81
C ALA A 549 -29.38 28.51 21.91
N TRP A 550 -30.17 27.94 21.01
CA TRP A 550 -30.29 26.49 20.92
C TRP A 550 -30.08 25.95 19.50
N HIS A 551 -29.69 24.67 19.44
CA HIS A 551 -29.56 23.92 18.20
C HIS A 551 -30.86 23.20 17.96
N ARG A 552 -31.16 22.96 16.70
CA ARG A 552 -32.42 22.31 16.37
C ARG A 552 -32.25 21.46 15.13
N LEU A 553 -33.18 20.54 14.90
CA LEU A 553 -33.21 19.73 13.68
C LEU A 553 -31.97 18.84 13.45
N VAL A 554 -31.56 18.13 14.51
CA VAL A 554 -30.51 17.11 14.41
C VAL A 554 -31.14 15.73 14.19
N HIS A 555 -30.88 15.14 13.02
CA HIS A 555 -31.40 13.81 12.65
C HIS A 555 -30.29 12.76 12.73
N VAL A 556 -30.36 11.87 13.73
CA VAL A 556 -29.36 10.82 13.93
C VAL A 556 -29.95 9.42 13.72
N ASN A 557 -29.40 8.69 12.74
CA ASN A 557 -29.91 7.38 12.31
C ASN A 557 -28.84 6.32 12.06
N ASN A 558 -29.04 5.13 12.63
CA ASN A 558 -28.19 3.96 12.38
C ASN A 558 -26.68 4.18 12.65
N VAL A 559 -26.34 4.41 13.92
CA VAL A 559 -24.95 4.68 14.33
C VAL A 559 -24.58 3.67 15.41
N GLN A 560 -23.34 3.14 15.37
CA GLN A 560 -22.88 2.19 16.39
C GLN A 560 -21.59 2.68 17.03
N LEU A 561 -21.60 2.75 18.35
CA LEU A 561 -20.50 3.30 19.11
C LEU A 561 -19.98 2.28 20.11
N ASN A 562 -18.76 1.80 19.89
CA ASN A 562 -18.16 0.88 20.83
C ASN A 562 -17.05 1.54 21.65
N ASN A 563 -17.09 1.32 22.95
N ASN A 563 -17.06 1.33 22.96
CA ASN A 563 -16.08 1.80 23.88
CA ASN A 563 -15.99 1.82 23.83
C ASN A 563 -15.90 3.33 23.80
C ASN A 563 -15.88 3.35 23.84
N VAL A 564 -17.01 4.02 24.03
CA VAL A 564 -17.06 5.47 24.11
C VAL A 564 -17.73 5.89 25.45
N THR A 565 -17.50 7.13 25.85
CA THR A 565 -18.17 7.71 27.02
C THR A 565 -19.62 8.04 26.68
N PRO A 566 -20.48 8.18 27.72
CA PRO A 566 -21.86 8.63 27.53
C PRO A 566 -21.98 10.01 26.87
N THR A 567 -23.15 10.30 26.28
CA THR A 567 -23.45 11.56 25.61
C THR A 567 -23.74 12.68 26.61
N ALA A 568 -23.64 13.93 26.15
CA ALA A 568 -24.08 15.13 26.88
C ALA A 568 -24.71 16.06 25.88
N ILE A 569 -26.03 16.16 25.94
CA ILE A 569 -26.80 16.86 24.94
C ILE A 569 -27.67 17.91 25.63
N SER A 570 -27.29 19.15 25.49
CA SER A 570 -28.15 20.21 25.92
C SER A 570 -28.49 21.29 24.95
N ASP A 571 -29.67 21.80 25.16
CA ASP A 571 -30.18 22.89 24.33
C ASP A 571 -30.45 22.46 22.90
N LEU A 572 -31.26 21.43 22.77
CA LEU A 572 -31.56 20.88 21.46
C LEU A 572 -33.07 20.77 21.26
N ARG A 573 -33.54 21.11 20.07
CA ARG A 573 -34.96 21.01 19.76
C ARG A 573 -35.22 20.32 18.44
N ASP A 574 -36.42 19.75 18.30
CA ASP A 574 -36.89 19.15 17.03
C ASP A 574 -35.92 18.09 16.43
N SER A 575 -35.28 17.32 17.31
CA SER A 575 -34.27 16.35 16.89
C SER A 575 -34.61 14.89 17.25
N GLU A 576 -34.14 13.94 16.44
CA GLU A 576 -34.33 12.51 16.77
C GLU A 576 -33.08 11.62 16.62
N PHE A 577 -32.97 10.65 17.52
CA PHE A 577 -31.83 9.72 17.60
C PHE A 577 -32.28 8.25 17.49
N ASN A 578 -32.27 7.73 16.27
CA ASN A 578 -32.76 6.39 15.98
C ASN A 578 -31.70 5.36 15.61
N LYS A 579 -31.78 4.21 16.29
CA LYS A 579 -30.87 3.10 16.08
C LYS A 579 -29.42 3.51 16.33
N VAL A 580 -29.21 4.16 17.48
CA VAL A 580 -27.88 4.46 17.97
C VAL A 580 -27.56 3.38 19.01
N THR A 581 -26.62 2.48 18.70
CA THR A 581 -26.29 1.37 19.58
C THR A 581 -24.94 1.54 20.26
N PHE A 582 -24.97 1.67 21.58
CA PHE A 582 -23.77 1.73 22.41
C PHE A 582 -23.47 0.35 22.98
N THR A 583 -22.30 -0.19 22.64
CA THR A 583 -21.76 -1.40 23.28
C THR A 583 -20.50 -0.98 23.99
N GLU A 584 -20.08 -1.72 25.02
CA GLU A 584 -18.91 -1.36 25.86
C GLU A 584 -18.83 0.12 26.26
N LEU A 585 -19.98 0.72 26.58
CA LEU A 585 -20.05 2.10 27.02
C LEU A 585 -19.16 2.33 28.24
N ARG A 586 -18.43 3.45 28.25
CA ARG A 586 -17.59 3.82 29.40
C ARG A 586 -18.36 4.69 30.38
N GLY A 587 -19.37 4.08 31.02
CA GLY A 587 -20.37 4.77 31.81
C GLY A 587 -21.55 3.83 31.97
N ASP A 588 -22.54 4.23 32.79
CA ASP A 588 -23.70 3.36 33.09
C ASP A 588 -24.87 3.49 32.11
N THR A 589 -25.13 4.71 31.65
CA THR A 589 -26.22 4.97 30.68
C THR A 589 -25.75 5.88 29.55
N PRO A 590 -26.10 5.53 28.30
CA PRO A 590 -25.61 6.33 27.18
C PRO A 590 -26.23 7.73 27.10
N TRP A 591 -27.53 7.84 27.37
CA TRP A 591 -28.30 9.05 27.10
C TRP A 591 -28.46 10.04 28.28
N HIS A 592 -28.01 11.28 28.06
CA HIS A 592 -28.08 12.36 29.06
C HIS A 592 -28.63 13.64 28.45
N PHE A 593 -29.86 13.98 28.82
CA PHE A 593 -30.59 15.11 28.22
C PHE A 593 -31.06 16.17 29.23
N SER A 594 -30.61 17.41 29.06
CA SER A 594 -31.23 18.54 29.75
C SER A 594 -31.56 19.67 28.78
N GLU A 595 -32.67 20.37 29.05
CA GLU A 595 -33.09 21.57 28.34
C GLU A 595 -33.48 21.31 26.88
N VAL A 596 -34.17 20.21 26.65
CA VAL A 596 -34.57 19.81 25.30
C VAL A 596 -36.06 19.98 25.07
N LYS A 597 -36.45 20.16 23.82
CA LYS A 597 -37.86 20.17 23.47
C LYS A 597 -38.07 19.46 22.14
N ASN A 598 -38.83 18.36 22.19
CA ASN A 598 -39.21 17.59 21.00
C ASN A 598 -38.09 16.65 20.42
N VAL A 599 -37.64 15.69 21.25
CA VAL A 599 -36.69 14.60 20.91
C VAL A 599 -36.96 13.50 21.97
N LYS A 600 -36.79 12.16 21.80
CA LYS A 600 -36.84 11.23 20.61
C LYS A 600 -35.37 10.87 20.33
N VAL A 601 -34.73 9.95 21.11
CA VAL A 601 -34.79 8.44 21.04
C VAL A 601 -35.93 7.42 20.66
N ASP A 602 -35.90 7.00 19.40
CA ASP A 602 -36.50 5.74 18.89
C ASP A 602 -38.03 5.55 18.73
N GLY A 603 -38.83 6.59 18.46
CA GLY A 603 -38.62 7.96 18.90
C GLY A 603 -39.58 8.12 20.07
N LYS A 604 -39.02 8.38 21.26
CA LYS A 604 -39.76 8.15 22.49
C LYS A 604 -39.24 8.78 23.79
N PRO A 605 -39.77 9.94 24.20
CA PRO A 605 -39.68 11.30 23.75
C PRO A 605 -39.03 11.99 24.99
N VAL A 606 -38.72 13.29 24.93
CA VAL A 606 -38.55 14.16 26.14
C VAL A 606 -38.58 15.66 25.79
N ASP B 36 32.06 1.21 1.65
CA ASP B 36 32.53 0.20 0.65
C ASP B 36 31.49 0.12 -0.46
N ALA B 37 31.98 -0.07 -1.69
CA ALA B 37 31.14 -0.05 -2.87
C ALA B 37 30.18 -1.24 -2.89
N PRO B 38 28.86 -1.00 -3.16
CA PRO B 38 27.92 -2.12 -3.35
C PRO B 38 28.43 -3.07 -4.43
N GLN B 39 28.22 -4.38 -4.26
CA GLN B 39 28.83 -5.40 -5.14
C GLN B 39 27.86 -6.06 -6.12
N GLN B 40 28.38 -6.44 -7.27
CA GLN B 40 27.68 -7.25 -8.24
C GLN B 40 26.33 -6.67 -8.74
N LEU B 41 26.30 -5.39 -9.08
CA LEU B 41 25.14 -4.83 -9.81
C LEU B 41 24.96 -5.60 -11.10
N GLN B 42 23.72 -5.96 -11.43
CA GLN B 42 23.46 -6.84 -12.59
C GLN B 42 22.00 -6.78 -13.03
N VAL B 43 21.76 -7.17 -14.27
CA VAL B 43 20.41 -7.37 -14.74
C VAL B 43 20.09 -8.88 -14.61
N PRO B 44 19.06 -9.22 -13.82
CA PRO B 44 18.72 -10.64 -13.74
C PRO B 44 18.36 -11.17 -15.12
N THR B 45 18.57 -12.46 -15.33
CA THR B 45 18.31 -13.09 -16.64
C THR B 45 16.95 -12.72 -17.24
N LEU B 46 17.03 -12.13 -18.43
CA LEU B 46 15.88 -11.70 -19.21
C LEU B 46 14.97 -10.70 -18.45
N ALA B 47 15.47 -10.07 -17.39
CA ALA B 47 14.65 -9.10 -16.62
C ALA B 47 14.70 -7.73 -17.29
N TYR B 48 14.33 -7.71 -18.58
CA TYR B 48 14.31 -6.49 -19.38
C TYR B 48 13.36 -6.68 -20.55
N ASP B 49 12.86 -5.56 -21.08
CA ASP B 49 12.13 -5.60 -22.33
C ASP B 49 12.51 -4.38 -23.17
N GLU B 50 11.55 -3.85 -23.94
CA GLU B 50 11.83 -2.75 -24.88
C GLU B 50 11.76 -1.40 -24.18
N SER B 51 11.17 -1.34 -22.99
CA SER B 51 11.09 -0.08 -22.27
C SER B 51 11.55 -0.07 -20.80
N SER B 52 12.18 -1.15 -20.33
CA SER B 52 12.57 -1.26 -18.91
C SER B 52 13.60 -2.36 -18.64
N ILE B 53 14.29 -2.21 -17.50
CA ILE B 53 15.43 -3.02 -17.12
C ILE B 53 15.32 -3.20 -15.62
N VAL B 54 15.42 -4.43 -15.11
CA VAL B 54 15.44 -4.62 -13.65
C VAL B 54 16.88 -4.74 -13.19
N LEU B 55 17.22 -4.08 -12.08
CA LEU B 55 18.55 -4.14 -11.49
C LEU B 55 18.48 -4.78 -10.13
N VAL B 56 19.41 -5.69 -9.88
CA VAL B 56 19.65 -6.23 -8.52
C VAL B 56 21.16 -6.12 -8.20
N TRP B 57 21.51 -6.15 -6.91
CA TRP B 57 22.89 -6.09 -6.46
C TRP B 57 22.98 -6.82 -5.15
N LYS B 58 24.20 -7.09 -4.69
CA LYS B 58 24.39 -7.70 -3.39
C LYS B 58 24.29 -6.69 -2.20
N ALA B 59 23.79 -7.15 -1.05
CA ALA B 59 23.93 -6.41 0.22
C ALA B 59 24.94 -7.21 1.04
N PRO B 60 25.75 -6.53 1.89
CA PRO B 60 26.65 -7.28 2.77
C PRO B 60 25.94 -8.11 3.84
N GLU B 61 26.71 -8.97 4.50
CA GLU B 61 26.20 -9.72 5.65
C GLU B 61 25.75 -8.74 6.75
N ASP B 62 26.53 -7.69 6.97
CA ASP B 62 26.23 -6.66 7.96
C ASP B 62 25.70 -5.36 7.34
N THR B 63 24.39 -5.15 7.45
CA THR B 63 23.73 -3.97 6.89
C THR B 63 23.29 -2.95 7.94
N ARG B 64 23.78 -3.10 9.18
CA ARG B 64 23.40 -2.20 10.30
C ARG B 64 23.41 -0.71 9.97
N LYS B 65 24.46 -0.25 9.27
CA LYS B 65 24.60 1.16 8.86
C LYS B 65 23.75 1.52 7.62
N ILE B 66 23.45 0.52 6.80
CA ILE B 66 22.78 0.72 5.51
C ILE B 66 21.24 0.77 5.68
N VAL B 67 20.59 1.82 5.18
CA VAL B 67 19.13 1.97 5.30
C VAL B 67 18.41 2.04 3.94
N ASP B 68 19.20 2.11 2.89
CA ASP B 68 18.67 2.27 1.55
C ASP B 68 19.79 2.23 0.53
N TYR B 69 19.39 2.24 -0.74
CA TYR B 69 20.33 2.33 -1.85
C TYR B 69 19.84 3.40 -2.80
N GLN B 70 20.78 4.02 -3.49
CA GLN B 70 20.46 5.04 -4.47
C GLN B 70 20.99 4.61 -5.83
N ILE B 71 20.09 4.62 -6.81
CA ILE B 71 20.41 4.18 -8.18
C ILE B 71 20.59 5.38 -9.13
N PHE B 72 21.60 5.32 -9.98
CA PHE B 72 21.88 6.41 -10.90
C PHE B 72 22.03 5.86 -12.31
N SER B 73 21.51 6.57 -13.31
CA SER B 73 21.88 6.25 -14.70
C SER B 73 22.72 7.35 -15.32
N ALA B 74 23.96 7.00 -15.69
CA ALA B 74 24.98 7.96 -16.12
C ALA B 74 24.99 9.23 -15.24
N GLY B 75 25.12 9.03 -13.93
CA GLY B 75 25.20 10.16 -13.00
C GLY B 75 23.89 10.72 -12.49
N LYS B 76 22.80 10.43 -13.19
CA LYS B 76 21.48 10.96 -12.89
C LYS B 76 20.82 10.09 -11.81
N LEU B 77 20.46 10.72 -10.69
CA LEU B 77 19.72 10.00 -9.66
C LEU B 77 18.35 9.56 -10.18
N LEU B 78 18.11 8.24 -10.14
CA LEU B 78 16.83 7.64 -10.54
C LEU B 78 15.89 7.50 -9.35
N GLY B 79 16.45 7.22 -8.17
CA GLY B 79 15.65 7.18 -6.94
C GLY B 79 16.22 6.23 -5.92
N LYS B 80 15.54 6.13 -4.77
CA LYS B 80 15.85 5.17 -3.72
C LYS B 80 15.19 3.80 -3.97
N ALA B 81 15.90 2.73 -3.62
CA ALA B 81 15.40 1.35 -3.73
C ALA B 81 14.10 1.14 -2.95
N SER B 82 14.01 1.70 -1.74
CA SER B 82 12.78 1.64 -0.96
C SER B 82 11.59 2.22 -1.74
N ASP B 83 11.72 3.45 -2.25
CA ASP B 83 10.66 4.13 -3.02
C ASP B 83 10.28 3.39 -4.30
N ASN B 84 11.28 2.90 -5.00
CA ASN B 84 11.04 2.16 -6.20
C ASN B 84 10.29 0.86 -5.89
N ASN B 85 10.73 0.12 -4.87
CA ASN B 85 9.97 -1.06 -4.39
C ASN B 85 8.50 -0.81 -3.97
N ASP B 86 8.23 0.36 -3.38
CA ASP B 86 6.86 0.78 -3.07
C ASP B 86 5.97 0.73 -4.30
N ASN B 87 6.55 1.17 -5.43
CA ASN B 87 5.90 1.26 -6.74
C ASN B 87 5.66 -0.10 -7.42
N PHE B 88 6.71 -0.91 -7.45
CA PHE B 88 6.79 -2.10 -8.29
C PHE B 88 6.66 -3.44 -7.60
N SER B 89 6.83 -3.46 -6.28
CA SER B 89 6.95 -4.74 -5.58
C SER B 89 5.66 -5.02 -4.81
N PRO B 90 5.02 -6.17 -5.09
CA PRO B 90 3.89 -6.59 -4.28
C PRO B 90 4.28 -7.01 -2.88
N ALA B 91 5.52 -7.42 -2.67
CA ALA B 91 5.99 -7.76 -1.32
C ALA B 91 6.19 -6.55 -0.40
N LYS B 92 6.58 -5.41 -0.99
CA LYS B 92 7.05 -4.22 -0.23
C LYS B 92 6.03 -3.63 0.76
N PRO B 93 4.76 -3.43 0.33
CA PRO B 93 3.79 -2.94 1.29
C PRO B 93 3.62 -3.83 2.54
N TYR B 94 3.73 -5.15 2.35
CA TYR B 94 3.57 -6.12 3.43
C TYR B 94 4.83 -6.11 4.31
N ILE B 95 5.98 -6.00 3.67
CA ILE B 95 7.26 -5.78 4.34
C ILE B 95 7.27 -4.56 5.27
N ASP B 96 6.78 -3.40 4.78
CA ASP B 96 6.66 -2.18 5.61
C ASP B 96 5.70 -2.32 6.76
N HIS B 97 4.55 -2.94 6.48
CA HIS B 97 3.55 -3.09 7.50
C HIS B 97 4.00 -4.03 8.63
N PHE B 98 4.84 -4.99 8.30
CA PHE B 98 5.35 -5.95 9.27
C PHE B 98 6.07 -5.24 10.46
N TYR B 99 6.69 -4.09 10.20
CA TYR B 99 7.38 -3.33 11.22
C TYR B 99 6.47 -2.34 11.98
N VAL B 100 5.21 -2.18 11.56
CA VAL B 100 4.26 -1.22 12.15
C VAL B 100 3.93 -1.36 13.67
N ASN B 101 4.06 -2.55 14.23
CA ASN B 101 3.87 -2.68 15.68
C ASN B 101 5.16 -3.20 16.35
N ASP B 102 6.26 -3.16 15.60
CA ASP B 102 7.59 -3.50 16.15
C ASP B 102 8.12 -2.39 17.07
N LYS B 103 7.71 -2.48 18.32
CA LYS B 103 8.40 -1.82 19.43
C LYS B 103 8.88 -2.92 20.38
N ASP B 104 10.12 -2.84 20.89
CA ASP B 104 11.01 -1.70 20.70
C ASP B 104 12.12 -1.97 19.70
N ASN B 105 11.81 -1.92 18.40
CA ASN B 105 12.80 -2.22 17.36
C ASN B 105 13.54 -3.55 17.59
N PHE B 106 12.78 -4.60 17.86
CA PHE B 106 13.31 -5.94 18.09
C PHE B 106 13.69 -6.61 16.76
N GLN B 107 12.87 -6.42 15.72
CA GLN B 107 13.04 -7.07 14.42
C GLN B 107 14.19 -6.57 13.55
N HIS B 108 14.94 -7.51 12.97
CA HIS B 108 15.92 -7.15 11.95
C HIS B 108 15.26 -6.34 10.80
N LYS B 109 15.86 -5.19 10.48
CA LYS B 109 15.38 -4.32 9.43
C LYS B 109 16.09 -4.69 8.15
N ILE B 110 15.32 -5.14 7.18
CA ILE B 110 15.87 -5.68 5.96
C ILE B 110 16.09 -4.55 5.01
N VAL B 111 16.97 -4.75 4.02
CA VAL B 111 17.22 -3.75 2.99
C VAL B 111 16.79 -4.23 1.60
N MET B 112 16.56 -3.27 0.71
CA MET B 112 16.14 -3.53 -0.67
C MET B 112 17.33 -3.70 -1.57
N GLN B 113 17.25 -4.72 -2.42
CA GLN B 113 18.35 -5.11 -3.28
C GLN B 113 17.95 -5.07 -4.75
N ASN B 114 16.87 -4.38 -5.06
CA ASN B 114 16.36 -4.35 -6.44
C ASN B 114 15.79 -3.00 -6.81
N PHE B 115 15.79 -2.69 -8.11
CA PHE B 115 15.32 -1.39 -8.60
C PHE B 115 14.82 -1.60 -10.04
N THR B 116 13.57 -1.21 -10.28
CA THR B 116 12.99 -1.37 -11.61
C THR B 116 12.98 -0.02 -12.31
N VAL B 117 13.61 -0.01 -13.49
CA VAL B 117 13.84 1.17 -14.32
C VAL B 117 12.87 1.10 -15.50
N ILE B 118 11.91 2.01 -15.56
CA ILE B 118 10.95 2.07 -16.66
C ILE B 118 11.09 3.39 -17.46
N GLY B 119 10.23 3.57 -18.47
CA GLY B 119 10.24 4.78 -19.30
C GLY B 119 11.38 4.85 -20.28
N LEU B 120 11.88 3.69 -20.69
CA LEU B 120 13.05 3.61 -21.54
C LEU B 120 12.69 3.47 -23.01
N LYS B 121 13.72 3.55 -23.86
CA LYS B 121 13.62 3.45 -25.32
C LYS B 121 14.11 2.11 -25.86
N PRO B 122 13.46 1.59 -26.93
CA PRO B 122 13.87 0.30 -27.52
C PRO B 122 15.33 0.31 -27.96
N GLU B 123 15.98 -0.85 -27.89
CA GLU B 123 17.34 -1.02 -28.42
C GLU B 123 18.34 0.07 -28.00
N THR B 124 18.33 0.43 -26.72
CA THR B 124 19.08 1.59 -26.28
C THR B 124 19.88 1.20 -25.06
N SER B 125 21.20 1.38 -25.14
CA SER B 125 22.12 1.11 -24.02
C SER B 125 22.09 2.20 -22.95
N TYR B 126 22.19 1.77 -21.69
CA TYR B 126 22.13 2.66 -20.53
C TYR B 126 23.18 2.16 -19.56
N GLN B 127 23.78 3.08 -18.82
CA GLN B 127 24.74 2.74 -17.80
C GLN B 127 24.05 2.94 -16.46
N PHE B 128 24.41 2.13 -15.47
CA PHE B 128 23.86 2.26 -14.13
C PHE B 128 24.94 2.03 -13.09
N THR B 129 24.81 2.72 -11.95
CA THR B 129 25.61 2.43 -10.74
C THR B 129 24.64 2.53 -9.59
N VAL B 130 25.04 1.97 -8.43
CA VAL B 130 24.23 2.01 -7.21
C VAL B 130 25.15 2.37 -6.04
N LYS B 131 24.64 3.15 -5.08
CA LYS B 131 25.39 3.52 -3.89
C LYS B 131 24.58 3.12 -2.69
N ALA B 132 25.24 2.56 -1.67
CA ALA B 132 24.63 2.41 -0.35
C ALA B 132 24.40 3.77 0.27
N GLN B 133 23.24 3.90 0.91
CA GLN B 133 22.91 5.09 1.65
C GLN B 133 22.92 4.70 3.11
N TYR B 134 23.69 5.43 3.92
CA TYR B 134 23.80 5.14 5.35
C TYR B 134 22.76 5.90 6.21
N ALA B 135 22.69 5.51 7.49
CA ALA B 135 21.69 6.04 8.43
C ALA B 135 21.89 7.52 8.76
N ASP B 136 22.94 8.12 8.20
CA ASP B 136 23.26 9.54 8.39
C ASP B 136 23.20 10.35 7.09
N GLY B 137 22.59 9.77 6.06
CA GLY B 137 22.33 10.48 4.80
C GLY B 137 23.51 10.48 3.85
N SER B 138 24.64 9.92 4.31
CA SER B 138 25.82 9.79 3.46
C SER B 138 25.72 8.58 2.55
N LEU B 139 26.47 8.66 1.45
CA LEU B 139 26.48 7.66 0.40
C LEU B 139 27.84 7.00 0.32
N SER B 140 27.84 5.74 -0.12
CA SER B 140 29.07 5.02 -0.34
C SER B 140 29.61 5.49 -1.68
N VAL B 141 30.82 5.04 -2.03
CA VAL B 141 31.30 5.15 -3.38
C VAL B 141 30.39 4.31 -4.28
N ALA B 142 30.27 4.70 -5.55
CA ALA B 142 29.45 3.97 -6.52
C ALA B 142 29.95 2.56 -6.70
N SER B 143 29.02 1.62 -6.81
CA SER B 143 29.31 0.29 -7.34
C SER B 143 30.09 0.44 -8.64
N LYS B 144 30.80 -0.61 -9.07
CA LYS B 144 31.25 -0.72 -10.47
C LYS B 144 30.03 -0.53 -11.36
N PRO B 145 30.22 0.10 -12.54
CA PRO B 145 29.09 0.34 -13.44
C PRO B 145 28.74 -0.90 -14.26
N ILE B 146 27.50 -0.95 -14.72
CA ILE B 146 27.12 -1.90 -15.75
C ILE B 146 26.49 -1.16 -16.93
N THR B 147 26.56 -1.78 -18.08
CA THR B 147 25.82 -1.27 -19.22
C THR B 147 24.80 -2.31 -19.62
N ALA B 148 23.56 -1.86 -19.83
CA ALA B 148 22.43 -2.74 -20.16
C ALA B 148 21.64 -2.18 -21.37
N LYS B 149 21.25 -3.07 -22.28
CA LYS B 149 20.49 -2.66 -23.46
C LYS B 149 19.07 -3.25 -23.50
N THR B 150 18.09 -2.36 -23.63
CA THR B 150 16.71 -2.78 -23.84
C THR B 150 16.63 -3.52 -25.15
N SER B 151 15.56 -4.30 -25.32
CA SER B 151 15.35 -5.06 -26.55
C SER B 151 14.59 -4.27 -27.59
N ALA B 152 14.48 -4.83 -28.80
CA ALA B 152 13.60 -4.30 -29.83
C ALA B 152 12.14 -4.46 -29.45
N LYS B 153 11.25 -3.72 -30.11
CA LYS B 153 9.82 -3.92 -29.98
C LYS B 153 9.52 -5.35 -30.40
N PRO B 154 8.86 -6.14 -29.53
CA PRO B 154 8.55 -7.49 -29.99
C PRO B 154 7.39 -7.58 -31.01
N GLN B 155 7.36 -8.69 -31.76
CA GLN B 155 6.16 -9.13 -32.49
C GLN B 155 5.08 -9.40 -31.46
N ILE B 156 3.96 -8.68 -31.56
CA ILE B 156 2.84 -8.81 -30.66
C ILE B 156 1.83 -9.76 -31.24
N VAL B 157 1.61 -10.86 -30.52
CA VAL B 157 0.62 -11.84 -30.91
C VAL B 157 -0.51 -11.82 -29.87
N ASN B 158 -1.71 -11.40 -30.31
CA ASN B 158 -2.88 -11.39 -29.45
C ASN B 158 -3.68 -12.68 -29.65
N VAL B 159 -3.97 -13.41 -28.58
CA VAL B 159 -4.74 -14.64 -28.67
C VAL B 159 -6.17 -14.43 -29.22
N ARG B 160 -6.71 -13.21 -29.08
CA ARG B 160 -8.01 -12.86 -29.70
C ARG B 160 -8.02 -12.96 -31.24
N ASP B 161 -6.85 -12.75 -31.86
CA ASP B 161 -6.70 -12.84 -33.31
C ASP B 161 -6.82 -14.29 -33.78
N PHE B 162 -6.86 -15.21 -32.82
CA PHE B 162 -6.89 -16.65 -33.09
C PHE B 162 -8.20 -17.27 -32.64
N GLY B 163 -9.13 -16.41 -32.28
CA GLY B 163 -10.48 -16.85 -31.97
C GLY B 163 -10.76 -17.12 -30.51
N ALA B 164 -9.89 -16.61 -29.64
CA ALA B 164 -10.05 -16.78 -28.19
C ALA B 164 -11.13 -15.84 -27.67
N ILE B 165 -12.02 -16.39 -26.86
CA ILE B 165 -13.12 -15.66 -26.27
C ILE B 165 -13.08 -15.73 -24.75
N ASP B 166 -13.33 -14.58 -24.13
CA ASP B 166 -13.31 -14.43 -22.69
C ASP B 166 -14.70 -14.65 -22.08
N ASP B 167 -15.28 -15.83 -22.30
CA ASP B 167 -16.57 -16.18 -21.68
C ASP B 167 -16.40 -17.07 -20.43
N GLY B 168 -15.17 -17.51 -20.14
CA GLY B 168 -14.91 -18.32 -18.93
C GLY B 168 -15.52 -19.71 -18.97
N LYS B 169 -16.00 -20.11 -20.16
CA LYS B 169 -16.68 -21.39 -20.40
C LYS B 169 -16.09 -22.10 -21.61
N THR B 170 -15.97 -21.38 -22.72
CA THR B 170 -15.41 -21.97 -23.93
C THR B 170 -13.93 -22.27 -23.78
N LEU B 171 -13.57 -23.50 -24.11
CA LEU B 171 -12.21 -23.96 -24.18
C LEU B 171 -11.47 -23.20 -25.25
N ASN B 172 -10.39 -22.53 -24.84
CA ASN B 172 -9.52 -21.73 -25.74
C ASN B 172 -8.17 -22.38 -26.08
N THR B 173 -8.03 -23.65 -25.74
CA THR B 173 -6.75 -24.35 -25.88
C THR B 173 -6.14 -24.18 -27.28
N LYS B 174 -6.95 -24.46 -28.29
CA LYS B 174 -6.51 -24.44 -29.69
C LYS B 174 -6.12 -23.04 -30.16
N ALA B 175 -6.97 -22.07 -29.87
CA ALA B 175 -6.70 -20.65 -30.17
C ALA B 175 -5.38 -20.16 -29.57
N ILE B 176 -5.17 -20.44 -28.29
CA ILE B 176 -3.99 -19.96 -27.60
C ILE B 176 -2.71 -20.68 -28.06
N GLN B 177 -2.82 -21.99 -28.28
CA GLN B 177 -1.74 -22.81 -28.82
C GLN B 177 -1.38 -22.42 -30.27
N GLN B 178 -2.39 -22.17 -31.12
CA GLN B 178 -2.14 -21.60 -32.46
C GLN B 178 -1.40 -20.28 -32.39
N ALA B 179 -1.79 -19.40 -31.46
CA ALA B 179 -1.06 -18.15 -31.26
C ALA B 179 0.39 -18.40 -30.82
N ILE B 180 0.62 -19.31 -29.88
CA ILE B 180 2.00 -19.69 -29.49
C ILE B 180 2.77 -20.25 -30.70
N ASP B 181 2.15 -21.16 -31.43
CA ASP B 181 2.80 -21.76 -32.60
C ASP B 181 3.23 -20.77 -33.67
N SER B 182 2.51 -19.65 -33.77
CA SER B 182 2.76 -18.60 -34.79
C SER B 182 3.94 -17.68 -34.44
N CYS B 183 4.39 -17.72 -33.18
CA CYS B 183 5.50 -16.88 -32.71
C CYS B 183 6.77 -17.05 -33.49
N LYS B 184 7.33 -15.91 -33.90
CA LYS B 184 8.71 -15.79 -34.38
C LYS B 184 9.55 -15.65 -33.13
N PRO B 185 10.87 -15.95 -33.23
CA PRO B 185 11.72 -15.65 -32.09
C PRO B 185 11.50 -14.23 -31.62
N GLY B 186 11.18 -14.08 -30.34
CA GLY B 186 11.04 -12.77 -29.73
C GLY B 186 9.61 -12.28 -29.54
N CYS B 187 8.60 -13.03 -29.98
CA CYS B 187 7.19 -12.56 -29.90
C CYS B 187 6.80 -12.34 -28.46
N ARG B 188 5.84 -11.45 -28.24
CA ARG B 188 5.06 -11.40 -27.03
C ARG B 188 3.63 -11.91 -27.29
N VAL B 189 3.26 -13.07 -26.76
CA VAL B 189 1.88 -13.52 -26.84
C VAL B 189 1.08 -12.82 -25.73
N GLU B 190 -0.02 -12.15 -26.13
CA GLU B 190 -0.86 -11.41 -25.19
C GLU B 190 -2.18 -12.12 -24.92
N ILE B 191 -2.47 -12.34 -23.65
CA ILE B 191 -3.80 -12.70 -23.22
C ILE B 191 -4.35 -11.42 -22.58
N PRO B 192 -5.36 -10.77 -23.20
CA PRO B 192 -5.90 -9.58 -22.58
C PRO B 192 -6.95 -9.82 -21.49
N ALA B 193 -7.56 -8.73 -21.03
CA ALA B 193 -8.52 -8.76 -19.93
C ALA B 193 -9.68 -9.68 -20.24
N GLY B 194 -10.14 -10.41 -19.23
CA GLY B 194 -11.26 -11.34 -19.37
C GLY B 194 -10.83 -12.68 -18.84
N THR B 195 -11.75 -13.63 -18.73
CA THR B 195 -11.43 -14.96 -18.23
C THR B 195 -11.43 -15.93 -19.41
N TYR B 196 -10.31 -16.65 -19.60
CA TYR B 196 -10.11 -17.54 -20.75
C TYR B 196 -9.87 -18.92 -20.23
N LYS B 197 -10.83 -19.83 -20.38
CA LYS B 197 -10.67 -21.20 -19.96
C LYS B 197 -9.76 -21.90 -20.98
N SER B 198 -8.93 -22.84 -20.52
CA SER B 198 -7.91 -23.50 -21.37
C SER B 198 -7.42 -24.82 -20.78
N GLY B 199 -7.20 -25.81 -21.65
CA GLY B 199 -6.48 -27.00 -21.26
C GLY B 199 -4.99 -26.71 -21.37
N ALA B 200 -4.19 -27.75 -21.15
CA ALA B 200 -2.72 -27.68 -21.20
C ALA B 200 -2.13 -26.90 -22.38
N LEU B 201 -1.21 -25.98 -22.08
CA LEU B 201 -0.51 -25.25 -23.13
C LEU B 201 0.96 -25.61 -23.15
N TRP B 202 1.55 -25.55 -24.34
CA TRP B 202 2.94 -25.89 -24.56
C TRP B 202 3.65 -24.68 -25.11
N LEU B 203 4.54 -24.11 -24.31
CA LEU B 203 5.42 -23.04 -24.76
C LEU B 203 6.58 -23.59 -25.59
N LYS B 204 7.26 -22.70 -26.27
CA LYS B 204 8.42 -23.07 -27.09
C LYS B 204 9.46 -21.99 -26.82
N SER B 205 10.68 -22.16 -27.35
CA SER B 205 11.78 -21.21 -27.07
C SER B 205 11.53 -19.82 -27.65
N ASP B 206 12.13 -18.82 -27.00
CA ASP B 206 12.25 -17.45 -27.52
C ASP B 206 10.92 -16.67 -27.57
N MET B 207 10.20 -16.71 -26.46
CA MET B 207 8.93 -16.05 -26.42
C MET B 207 8.60 -15.52 -25.05
N THR B 208 7.68 -14.57 -25.06
CA THR B 208 7.02 -14.12 -23.86
C THR B 208 5.52 -14.44 -23.96
N LEU B 209 4.98 -15.04 -22.89
CA LEU B 209 3.56 -15.09 -22.62
C LEU B 209 3.24 -13.98 -21.61
N ASN B 210 2.42 -13.03 -22.05
CA ASN B 210 2.03 -11.94 -21.20
C ASN B 210 0.53 -11.97 -20.84
N LEU B 211 0.26 -11.98 -19.54
CA LEU B 211 -1.11 -11.97 -19.04
C LEU B 211 -1.39 -10.58 -18.53
N GLN B 212 -2.20 -9.85 -19.31
CA GLN B 212 -2.49 -8.47 -19.07
C GLN B 212 -3.28 -8.30 -17.77
N ALA B 213 -3.32 -7.07 -17.28
CA ALA B 213 -4.19 -6.73 -16.19
C ALA B 213 -5.61 -7.08 -16.60
N GLY B 214 -6.30 -7.75 -15.71
CA GLY B 214 -7.64 -8.17 -16.00
C GLY B 214 -7.73 -9.60 -16.47
N ALA B 215 -6.63 -10.15 -17.02
CA ALA B 215 -6.63 -11.51 -17.57
C ALA B 215 -6.68 -12.57 -16.49
N ILE B 216 -7.45 -13.63 -16.72
CA ILE B 216 -7.44 -14.83 -15.88
C ILE B 216 -7.36 -16.00 -16.85
N LEU B 217 -6.24 -16.73 -16.83
CA LEU B 217 -6.17 -17.96 -17.58
C LEU B 217 -6.66 -18.99 -16.60
N LEU B 218 -7.78 -19.64 -16.96
CA LEU B 218 -8.45 -20.60 -16.10
C LEU B 218 -8.32 -22.05 -16.62
N GLY B 219 -7.85 -22.94 -15.76
CA GLY B 219 -7.75 -24.32 -16.14
C GLY B 219 -9.10 -24.95 -16.39
N SER B 220 -9.21 -25.65 -17.52
CA SER B 220 -10.29 -26.59 -17.73
C SER B 220 -10.34 -27.63 -16.60
N GLU B 221 -11.55 -28.06 -16.26
CA GLU B 221 -11.83 -29.03 -15.21
C GLU B 221 -11.80 -30.49 -15.75
N ASN B 222 -11.63 -30.62 -17.07
CA ASN B 222 -11.62 -31.91 -17.79
C ASN B 222 -10.25 -32.57 -17.85
N PRO B 223 -10.09 -33.76 -17.21
CA PRO B 223 -8.80 -34.50 -17.26
C PRO B 223 -8.25 -34.74 -18.69
N ASP B 224 -9.16 -34.80 -19.67
CA ASP B 224 -8.81 -34.97 -21.09
C ASP B 224 -8.10 -33.79 -21.72
N ASP B 225 -8.16 -32.64 -21.04
CA ASP B 225 -7.49 -31.44 -21.53
C ASP B 225 -6.05 -31.33 -21.04
N TYR B 226 -5.62 -32.36 -20.31
CA TYR B 226 -4.25 -32.45 -19.79
C TYR B 226 -3.64 -33.80 -20.16
N PRO B 227 -3.07 -33.90 -21.38
CA PRO B 227 -2.53 -35.17 -21.85
C PRO B 227 -1.20 -35.49 -21.16
N ALA B 228 -0.48 -36.47 -21.68
CA ALA B 228 0.72 -36.97 -21.04
C ALA B 228 1.71 -35.84 -20.90
N GLY B 229 2.28 -35.70 -19.70
CA GLY B 229 3.22 -34.62 -19.42
C GLY B 229 4.66 -35.06 -19.29
N TYR B 230 4.99 -35.67 -18.16
CA TYR B 230 6.40 -35.94 -17.81
C TYR B 230 6.46 -37.00 -16.70
N ARG B 231 7.63 -37.61 -16.53
CA ARG B 231 7.98 -38.30 -15.29
C ARG B 231 8.90 -37.35 -14.57
N LEU B 232 8.78 -37.23 -13.24
CA LEU B 232 9.62 -36.31 -12.47
C LEU B 232 11.13 -36.59 -12.68
N TYR B 233 11.52 -37.85 -12.49
CA TYR B 233 12.87 -38.34 -12.71
C TYR B 233 12.87 -39.52 -13.69
N PRO B 234 14.03 -39.81 -14.34
CA PRO B 234 14.06 -40.92 -15.29
C PRO B 234 13.65 -42.24 -14.65
N TYR B 235 13.94 -42.37 -13.35
CA TYR B 235 13.57 -43.55 -12.55
C TYR B 235 12.17 -43.48 -11.90
N SER B 236 11.40 -42.42 -12.20
CA SER B 236 10.02 -42.32 -11.64
C SER B 236 9.16 -43.27 -12.43
N THR B 237 8.27 -43.99 -11.75
CA THR B 237 7.53 -45.09 -12.40
C THR B 237 6.18 -44.68 -12.99
N ILE B 238 5.61 -43.59 -12.48
CA ILE B 238 4.30 -43.11 -12.88
C ILE B 238 4.44 -41.79 -13.67
N GLU B 239 3.95 -41.81 -14.90
CA GLU B 239 3.78 -40.63 -15.74
C GLU B 239 2.77 -39.64 -15.16
N ARG B 240 3.11 -38.36 -15.23
CA ARG B 240 2.22 -37.29 -14.75
C ARG B 240 1.55 -36.58 -15.90
N PRO B 241 0.32 -36.09 -15.69
CA PRO B 241 -0.28 -35.27 -16.73
C PRO B 241 0.44 -33.93 -16.96
N ALA B 242 0.22 -33.35 -18.14
CA ALA B 242 0.63 -31.97 -18.40
C ALA B 242 0.08 -30.98 -17.36
N SER B 243 0.85 -29.93 -17.09
CA SER B 243 0.37 -28.79 -16.31
C SER B 243 -0.49 -27.90 -17.22
N LEU B 244 -1.06 -26.84 -16.64
CA LEU B 244 -1.82 -25.87 -17.43
C LEU B 244 -0.84 -25.20 -18.39
N ILE B 245 0.34 -24.82 -17.88
CA ILE B 245 1.39 -24.23 -18.70
C ILE B 245 2.64 -25.12 -18.64
N ASN B 246 3.15 -25.53 -19.82
CA ASN B 246 4.30 -26.44 -19.91
C ASN B 246 5.35 -25.89 -20.82
N ALA B 247 6.62 -26.20 -20.53
CA ALA B 247 7.75 -26.22 -21.49
C ALA B 247 8.39 -27.60 -21.29
N ILE B 248 7.83 -28.58 -21.99
CA ILE B 248 8.20 -29.98 -21.82
C ILE B 248 8.38 -30.58 -23.22
N ASP B 249 9.59 -31.03 -23.46
CA ASP B 249 9.89 -31.82 -24.64
C ASP B 249 9.98 -33.31 -24.26
N PRO B 250 9.10 -34.16 -24.83
CA PRO B 250 9.17 -35.60 -24.46
C PRO B 250 10.56 -36.28 -24.46
N ASN B 251 11.41 -36.20 -25.49
CA ASN B 251 12.69 -36.94 -25.31
C ASN B 251 13.56 -36.81 -23.99
N ASN B 252 13.62 -35.69 -23.26
CA ASN B 252 14.26 -34.39 -23.57
C ASN B 252 14.19 -33.28 -22.47
N SER B 253 15.03 -33.44 -21.45
CA SER B 253 15.00 -32.58 -20.24
C SER B 253 16.28 -31.81 -19.92
N LYS B 254 17.37 -32.03 -20.66
CA LYS B 254 18.60 -31.28 -20.41
C LYS B 254 18.47 -29.79 -20.75
N PRO B 255 19.03 -28.89 -19.91
CA PRO B 255 18.87 -27.46 -20.17
C PRO B 255 19.37 -27.03 -21.56
N GLY B 256 18.60 -26.20 -22.24
CA GLY B 256 18.87 -25.85 -23.62
C GLY B 256 17.94 -26.52 -24.60
N THR B 257 17.24 -27.57 -24.14
CA THR B 257 16.07 -28.11 -24.84
C THR B 257 15.12 -26.96 -25.28
N PHE B 258 14.85 -26.03 -24.37
CA PHE B 258 14.29 -24.71 -24.71
C PHE B 258 15.29 -23.67 -24.25
N ARG B 259 15.15 -22.45 -24.74
CA ARG B 259 15.93 -21.31 -24.28
C ARG B 259 15.00 -20.12 -24.25
N ASN B 260 15.22 -19.19 -23.33
CA ASN B 260 14.58 -17.87 -23.32
C ASN B 260 13.06 -17.87 -23.28
N ILE B 261 12.50 -18.42 -22.22
CA ILE B 261 11.04 -18.39 -22.03
C ILE B 261 10.69 -17.39 -20.93
N ARG B 262 9.72 -16.53 -21.17
CA ARG B 262 9.36 -15.44 -20.31
C ARG B 262 7.87 -15.51 -20.10
N ILE B 263 7.42 -15.38 -18.88
CA ILE B 263 6.04 -15.29 -18.53
C ILE B 263 5.80 -14.14 -17.62
N THR B 264 5.02 -13.17 -18.09
CA THR B 264 4.88 -11.88 -17.43
C THR B 264 3.43 -11.38 -17.34
N GLY B 265 3.28 -10.18 -16.75
CA GLY B 265 1.99 -9.46 -16.65
C GLY B 265 1.36 -9.61 -15.28
N SER B 266 0.43 -8.72 -14.98
CA SER B 266 -0.30 -8.74 -13.71
C SER B 266 -1.53 -9.64 -13.68
N GLY B 267 -1.84 -10.31 -14.81
CA GLY B 267 -2.93 -11.30 -14.85
C GLY B 267 -2.79 -12.46 -13.88
N VAL B 268 -3.85 -13.29 -13.83
CA VAL B 268 -3.98 -14.42 -12.94
C VAL B 268 -3.88 -15.71 -13.75
N ILE B 269 -3.14 -16.67 -13.21
CA ILE B 269 -3.19 -18.06 -13.68
C ILE B 269 -3.87 -18.88 -12.60
N ASP B 270 -5.07 -19.37 -12.91
CA ASP B 270 -5.90 -20.13 -11.97
C ASP B 270 -6.02 -21.60 -12.40
N GLY B 271 -5.47 -22.51 -11.61
CA GLY B 271 -5.45 -23.93 -11.99
C GLY B 271 -6.77 -24.69 -11.89
N ASN B 272 -7.77 -24.06 -11.25
CA ASN B 272 -9.12 -24.61 -11.12
C ASN B 272 -9.13 -25.96 -10.43
N GLY B 273 -8.34 -26.10 -9.35
CA GLY B 273 -8.13 -27.42 -8.74
C GLY B 273 -9.09 -27.87 -7.66
N TRP B 274 -9.61 -26.90 -6.91
CA TRP B 274 -10.22 -27.08 -5.59
C TRP B 274 -11.40 -26.13 -5.39
N LEU B 275 -12.40 -26.58 -4.61
CA LEU B 275 -13.42 -25.67 -4.09
C LEU B 275 -12.75 -24.72 -3.11
N ARG B 276 -13.44 -23.66 -2.78
CA ARG B 276 -12.99 -22.74 -1.73
C ARG B 276 -13.19 -23.36 -0.35
N ALA B 277 -12.41 -22.97 0.64
CA ALA B 277 -12.66 -23.41 2.00
C ALA B 277 -14.04 -22.92 2.46
N LYS B 278 -14.48 -23.43 3.59
CA LYS B 278 -15.76 -23.03 4.19
C LYS B 278 -15.77 -21.51 4.37
N THR B 279 -14.70 -20.98 4.94
CA THR B 279 -14.44 -19.54 4.76
C THR B 279 -13.64 -19.31 3.49
N ALA B 280 -14.30 -18.76 2.46
CA ALA B 280 -13.83 -18.76 1.06
C ALA B 280 -12.83 -17.67 0.73
N GLU B 281 -12.85 -16.63 1.56
CA GLU B 281 -12.04 -15.45 1.37
C GLU B 281 -11.73 -14.98 2.80
N ILE B 282 -10.55 -14.40 2.98
CA ILE B 282 -10.24 -13.66 4.19
C ILE B 282 -9.74 -12.22 3.88
N THR B 283 -9.71 -11.39 4.91
CA THR B 283 -9.06 -10.10 4.86
C THR B 283 -7.70 -10.27 5.52
N ASP B 284 -6.64 -9.92 4.80
CA ASP B 284 -5.31 -10.12 5.37
C ASP B 284 -4.82 -8.94 6.26
N GLU B 285 -3.55 -8.96 6.65
CA GLU B 285 -2.96 -7.95 7.55
C GLU B 285 -2.97 -6.54 6.96
N LEU B 286 -3.04 -6.44 5.64
CA LEU B 286 -3.04 -5.18 4.94
C LEU B 286 -4.47 -4.78 4.52
N GLY B 287 -5.48 -5.51 5.01
CA GLY B 287 -6.88 -5.31 4.64
C GLY B 287 -7.19 -5.71 3.20
N ARG B 288 -6.30 -6.47 2.58
CA ARG B 288 -6.58 -7.03 1.24
C ARG B 288 -7.16 -8.43 1.30
N SER B 289 -7.96 -8.80 0.30
CA SER B 289 -8.60 -10.10 0.29
C SER B 289 -7.67 -11.23 -0.19
N LEU B 290 -7.76 -12.36 0.49
CA LEU B 290 -7.06 -13.58 0.08
C LEU B 290 -8.07 -14.70 -0.11
N PRO B 291 -7.98 -15.39 -1.26
CA PRO B 291 -8.75 -16.61 -1.52
C PRO B 291 -8.28 -17.73 -0.59
N GLN B 292 -9.22 -18.59 -0.17
CA GLN B 292 -8.87 -19.72 0.67
C GLN B 292 -9.41 -20.95 -0.04
N TYR B 293 -8.51 -21.88 -0.41
CA TYR B 293 -8.86 -23.16 -1.02
C TYR B 293 -8.94 -24.25 0.05
N VAL B 294 -9.96 -25.13 -0.07
CA VAL B 294 -10.16 -26.22 0.88
C VAL B 294 -8.87 -27.07 0.99
N ALA B 295 -8.54 -27.44 2.22
CA ALA B 295 -7.41 -28.32 2.51
C ALA B 295 -7.92 -29.77 2.55
N SER B 296 -7.55 -30.56 1.52
CA SER B 296 -8.06 -31.93 1.35
C SER B 296 -7.02 -33.05 1.59
N LYS B 297 -7.40 -34.29 1.29
CA LYS B 297 -6.53 -35.47 1.37
C LYS B 297 -7.11 -36.48 0.37
N ASN B 298 -6.41 -37.58 0.10
CA ASN B 298 -6.89 -38.53 -0.92
C ASN B 298 -8.34 -39.03 -0.76
N SER B 299 -8.77 -39.26 0.49
CA SER B 299 -10.13 -39.78 0.76
C SER B 299 -11.23 -38.71 0.65
N LYS B 300 -10.82 -37.44 0.66
CA LYS B 300 -11.76 -36.32 0.61
C LYS B 300 -11.78 -35.56 -0.73
N VAL B 301 -10.88 -35.91 -1.67
CA VAL B 301 -10.79 -35.20 -2.97
C VAL B 301 -12.09 -35.21 -3.78
N HIS B 302 -12.87 -36.28 -3.60
CA HIS B 302 -14.09 -36.49 -4.35
C HIS B 302 -15.10 -35.45 -3.95
N GLU B 303 -15.01 -34.97 -2.70
CA GLU B 303 -15.84 -33.89 -2.17
C GLU B 303 -15.30 -32.47 -2.39
N ASP B 304 -13.97 -32.31 -2.33
CA ASP B 304 -13.32 -30.99 -2.21
C ASP B 304 -12.76 -30.49 -3.52
N GLY B 305 -12.42 -31.41 -4.42
CA GLY B 305 -11.76 -31.08 -5.69
C GLY B 305 -12.66 -30.55 -6.77
N ILE B 306 -12.06 -29.91 -7.76
CA ILE B 306 -12.70 -29.59 -9.06
C ILE B 306 -11.86 -30.39 -10.06
N LEU B 307 -10.86 -29.75 -10.68
CA LEU B 307 -9.92 -30.47 -11.53
C LEU B 307 -9.32 -31.63 -10.79
N ALA B 308 -8.92 -31.41 -9.53
CA ALA B 308 -8.25 -32.44 -8.74
C ALA B 308 -9.23 -33.60 -8.47
N LYS B 309 -10.52 -33.29 -8.28
CA LYS B 309 -11.54 -34.34 -8.16
C LYS B 309 -11.59 -35.18 -9.41
N ASN B 310 -11.70 -34.51 -10.55
CA ASN B 310 -11.97 -35.16 -11.81
C ASN B 310 -10.81 -36.06 -12.28
N GLN B 311 -9.57 -35.62 -12.06
CA GLN B 311 -8.36 -36.34 -12.47
C GLN B 311 -8.12 -37.59 -11.66
N VAL B 312 -8.21 -37.45 -10.34
CA VAL B 312 -8.09 -38.58 -9.43
C VAL B 312 -9.24 -39.58 -9.69
N GLU B 313 -10.47 -39.09 -9.89
CA GLU B 313 -11.63 -39.95 -10.25
C GLU B 313 -11.32 -40.78 -11.51
N LYS B 314 -10.81 -40.12 -12.55
CA LYS B 314 -10.50 -40.81 -13.80
C LYS B 314 -9.33 -41.80 -13.68
N ALA B 315 -8.35 -41.47 -12.84
CA ALA B 315 -7.17 -42.31 -12.71
C ALA B 315 -7.53 -43.56 -11.90
N VAL B 316 -8.35 -43.38 -10.86
CA VAL B 316 -8.88 -44.50 -10.07
C VAL B 316 -9.75 -45.40 -10.96
N SER B 317 -10.76 -44.82 -11.62
CA SER B 317 -11.59 -45.59 -12.52
C SER B 317 -10.71 -46.42 -13.45
N ASP B 318 -9.70 -45.81 -14.07
CA ASP B 318 -8.79 -46.49 -15.02
C ASP B 318 -7.85 -47.58 -14.42
N GLY B 319 -7.97 -47.84 -13.12
CA GLY B 319 -7.22 -48.91 -12.44
C GLY B 319 -6.09 -48.55 -11.48
N MET B 320 -5.77 -47.26 -11.34
CA MET B 320 -4.72 -46.84 -10.40
C MET B 320 -5.30 -46.79 -9.00
N ASP B 321 -4.52 -47.12 -7.96
CA ASP B 321 -5.06 -46.94 -6.60
C ASP B 321 -5.12 -45.46 -6.18
N LEU B 322 -5.85 -45.22 -5.10
CA LEU B 322 -6.22 -43.87 -4.71
C LEU B 322 -5.00 -43.06 -4.37
N LYS B 323 -4.09 -43.67 -3.60
CA LYS B 323 -2.87 -43.04 -3.12
C LYS B 323 -2.00 -42.49 -4.23
N ASN B 324 -1.86 -43.28 -5.30
CA ASN B 324 -1.08 -42.93 -6.49
C ASN B 324 -1.84 -42.03 -7.44
N ALA B 325 -3.14 -42.21 -7.52
CA ALA B 325 -3.95 -41.32 -8.32
C ALA B 325 -3.87 -39.91 -7.72
N TYR B 326 -4.03 -39.83 -6.41
CA TYR B 326 -3.94 -38.55 -5.68
C TYR B 326 -2.51 -37.98 -5.67
N GLY B 327 -1.53 -38.83 -5.46
CA GLY B 327 -0.13 -38.39 -5.36
C GLY B 327 0.54 -38.00 -6.65
N GLN B 328 0.01 -38.48 -7.78
CA GLN B 328 0.71 -38.33 -9.09
C GLN B 328 -0.12 -37.79 -10.26
N ARG B 329 -1.43 -38.03 -10.23
CA ARG B 329 -2.26 -37.73 -11.40
C ARG B 329 -2.99 -36.37 -11.41
N ARG B 330 -2.74 -35.53 -10.38
CA ARG B 330 -3.23 -34.14 -10.41
C ARG B 330 -2.28 -33.19 -11.17
N SER B 331 -2.85 -32.37 -12.05
CA SER B 331 -2.06 -31.42 -12.83
C SER B 331 -1.42 -30.29 -11.96
N SER B 332 -0.12 -30.03 -12.11
CA SER B 332 0.44 -28.80 -11.55
C SER B 332 0.00 -27.63 -12.42
N LEU B 333 0.26 -26.43 -11.92
CA LEU B 333 -0.06 -25.23 -12.62
C LEU B 333 0.93 -24.96 -13.75
N MET B 334 2.21 -25.14 -13.47
CA MET B 334 3.24 -24.81 -14.47
C MET B 334 4.41 -25.75 -14.33
N THR B 335 4.88 -26.26 -15.47
CA THR B 335 6.05 -27.13 -15.50
C THR B 335 6.96 -26.75 -16.66
N LEU B 336 8.08 -26.13 -16.30
CA LEU B 336 9.11 -25.71 -17.24
C LEU B 336 10.30 -26.63 -17.08
N ARG B 337 10.71 -27.29 -18.16
CA ARG B 337 11.73 -28.33 -18.08
C ARG B 337 12.77 -28.25 -19.20
N GLY B 338 14.05 -28.16 -18.82
CA GLY B 338 15.15 -28.17 -19.79
C GLY B 338 15.32 -26.80 -20.40
N VAL B 339 14.91 -25.75 -19.70
CA VAL B 339 14.99 -24.38 -20.25
C VAL B 339 16.26 -23.64 -19.81
N GLU B 340 17.04 -23.19 -20.79
CA GLU B 340 18.13 -22.22 -20.58
C GLU B 340 17.56 -20.79 -20.60
N ASN B 341 17.53 -20.15 -19.43
CA ASN B 341 17.07 -18.76 -19.23
C ASN B 341 15.54 -18.64 -19.17
N VAL B 342 15.02 -18.41 -17.96
CA VAL B 342 13.56 -18.30 -17.66
C VAL B 342 13.33 -17.00 -16.87
N TYR B 343 12.36 -16.21 -17.30
CA TYR B 343 11.94 -15.03 -16.53
C TYR B 343 10.45 -15.00 -16.31
N LEU B 344 10.09 -15.00 -15.03
CA LEU B 344 8.70 -15.00 -14.57
C LEU B 344 8.46 -13.71 -13.76
N ALA B 345 7.48 -12.91 -14.15
CA ALA B 345 7.17 -11.71 -13.40
C ALA B 345 5.68 -11.41 -13.28
N GLY B 346 5.32 -10.80 -12.15
CA GLY B 346 4.12 -9.98 -12.04
C GLY B 346 2.86 -10.74 -11.78
N PHE B 347 2.80 -11.98 -12.29
CA PHE B 347 1.55 -12.71 -12.29
C PHE B 347 1.13 -13.29 -10.95
N THR B 348 -0.20 -13.52 -10.84
CA THR B 348 -0.83 -14.12 -9.67
C THR B 348 -1.10 -15.58 -9.96
N VAL B 349 -0.84 -16.42 -8.97
CA VAL B 349 -1.06 -17.86 -9.09
C VAL B 349 -2.17 -18.20 -8.11
N ARG B 350 -3.22 -18.85 -8.59
CA ARG B 350 -4.28 -19.33 -7.69
C ARG B 350 -4.68 -20.75 -7.99
N ASN B 351 -5.13 -21.46 -6.97
CA ASN B 351 -5.94 -22.65 -7.13
C ASN B 351 -5.33 -23.75 -8.03
N PRO B 352 -4.07 -24.19 -7.76
CA PRO B 352 -3.52 -25.29 -8.55
C PRO B 352 -4.20 -26.61 -8.15
N ALA B 353 -4.33 -27.55 -9.08
CA ALA B 353 -4.77 -28.90 -8.77
C ALA B 353 -3.70 -29.70 -8.01
N PHE B 354 -2.45 -29.32 -8.19
CA PHE B 354 -1.32 -29.98 -7.58
C PHE B 354 -0.26 -28.96 -7.07
N HIS B 355 0.97 -29.07 -7.53
CA HIS B 355 1.97 -28.04 -7.36
C HIS B 355 1.72 -26.73 -8.07
N GLY B 356 2.37 -25.68 -7.61
CA GLY B 356 2.41 -24.42 -8.29
C GLY B 356 3.36 -24.31 -9.45
N ILE B 357 4.38 -23.52 -9.35
CA ILE B 357 5.33 -23.38 -10.42
C ILE B 357 6.49 -24.35 -10.29
N MET B 358 6.73 -25.14 -11.30
CA MET B 358 7.80 -26.11 -11.27
C MET B 358 8.89 -25.75 -12.27
N ASN B 359 10.12 -25.80 -11.83
CA ASN B 359 11.27 -25.68 -12.67
C ASN B 359 12.15 -26.90 -12.57
N LEU B 360 12.30 -27.61 -13.67
CA LEU B 360 13.02 -28.88 -13.64
C LEU B 360 14.14 -28.82 -14.65
N GLU B 361 15.38 -28.95 -14.19
CA GLU B 361 16.54 -28.94 -15.09
C GLU B 361 16.65 -27.67 -15.90
N ASN B 362 16.43 -26.53 -15.25
CA ASN B 362 16.55 -25.23 -15.88
C ASN B 362 17.84 -24.52 -15.42
N HIS B 363 18.30 -23.54 -16.19
CA HIS B 363 19.35 -22.63 -15.76
C HIS B 363 18.86 -21.22 -15.86
N ASN B 364 19.34 -20.37 -14.98
CA ASN B 364 19.12 -18.92 -15.07
C ASN B 364 17.68 -18.60 -15.05
N VAL B 365 17.02 -19.01 -13.97
CA VAL B 365 15.60 -18.80 -13.74
C VAL B 365 15.41 -17.59 -12.81
N VAL B 366 14.62 -16.63 -13.26
CA VAL B 366 14.29 -15.49 -12.42
C VAL B 366 12.78 -15.43 -12.18
N ALA B 367 12.40 -15.27 -10.90
CA ALA B 367 11.02 -15.06 -10.49
C ALA B 367 10.89 -13.74 -9.72
N ASN B 368 10.31 -12.73 -10.37
CA ASN B 368 10.21 -11.36 -9.85
C ASN B 368 8.77 -10.91 -9.62
N GLY B 369 8.41 -10.63 -8.37
CA GLY B 369 7.10 -10.06 -8.07
C GLY B 369 5.91 -10.95 -8.42
N LEU B 370 6.08 -12.26 -8.32
CA LEU B 370 4.94 -13.17 -8.45
C LEU B 370 4.09 -13.09 -7.19
N ILE B 371 2.79 -13.33 -7.33
CA ILE B 371 1.88 -13.32 -6.18
C ILE B 371 1.24 -14.72 -6.04
N HIS B 372 1.56 -15.44 -4.98
CA HIS B 372 1.05 -16.83 -4.84
C HIS B 372 -0.06 -16.82 -3.83
N GLN B 373 -1.26 -17.22 -4.25
CA GLN B 373 -2.41 -17.24 -3.34
C GLN B 373 -3.08 -18.60 -3.51
N THR B 374 -2.54 -19.59 -2.83
CA THR B 374 -2.94 -20.99 -3.04
C THR B 374 -3.18 -21.74 -1.74
N TYR B 375 -3.36 -21.00 -0.63
CA TYR B 375 -3.59 -21.62 0.67
C TYR B 375 -5.06 -22.01 0.63
N ASP B 376 -5.43 -23.26 0.99
CA ASP B 376 -4.52 -24.30 1.47
C ASP B 376 -4.67 -25.54 0.59
N ALA B 377 -4.46 -25.34 -0.71
CA ALA B 377 -4.38 -26.39 -1.72
C ALA B 377 -3.26 -27.42 -1.42
N ASN B 378 -3.64 -28.70 -1.24
CA ASN B 378 -2.73 -29.74 -0.80
C ASN B 378 -1.65 -29.99 -1.87
N ASN B 379 -0.38 -29.89 -1.44
CA ASN B 379 0.81 -29.96 -2.31
C ASN B 379 0.99 -28.73 -3.17
N GLY B 380 0.24 -27.68 -2.81
CA GLY B 380 0.27 -26.45 -3.58
C GLY B 380 1.43 -25.60 -3.15
N ASP B 381 2.67 -26.08 -3.39
CA ASP B 381 3.85 -25.27 -3.09
C ASP B 381 3.98 -24.12 -4.07
N GLY B 382 4.65 -23.05 -3.67
CA GLY B 382 4.75 -21.86 -4.52
C GLY B 382 5.64 -22.02 -5.73
N ILE B 383 6.93 -22.27 -5.50
CA ILE B 383 7.91 -22.55 -6.57
C ILE B 383 8.80 -23.69 -6.16
N GLU B 384 8.91 -24.68 -7.05
CA GLU B 384 9.84 -25.78 -6.94
C GLU B 384 10.99 -25.54 -7.88
N PHE B 385 12.20 -25.76 -7.39
CA PHE B 385 13.39 -25.72 -8.20
C PHE B 385 14.00 -27.11 -8.08
N GLY B 386 14.17 -27.79 -9.21
CA GLY B 386 14.57 -29.19 -9.15
C GLY B 386 15.71 -29.39 -10.09
N ASN B 387 16.86 -29.84 -9.57
CA ASN B 387 18.09 -30.12 -10.35
C ASN B 387 18.42 -29.00 -11.33
N SER B 388 18.29 -27.76 -10.85
CA SER B 388 18.50 -26.56 -11.63
C SER B 388 19.71 -25.83 -11.11
N GLN B 389 20.21 -24.87 -11.88
CA GLN B 389 21.30 -24.01 -11.45
C GLN B 389 21.04 -22.57 -11.80
N ASN B 390 21.48 -21.67 -10.91
CA ASN B 390 21.31 -20.23 -10.99
C ASN B 390 19.87 -19.76 -10.99
N VAL B 391 19.26 -19.74 -9.80
CA VAL B 391 17.87 -19.30 -9.68
C VAL B 391 17.77 -18.15 -8.65
N MET B 392 16.82 -17.28 -8.92
CA MET B 392 16.66 -16.06 -8.16
C MET B 392 15.15 -15.83 -8.00
N VAL B 393 14.73 -15.57 -6.78
CA VAL B 393 13.33 -15.20 -6.47
C VAL B 393 13.38 -13.92 -5.69
N PHE B 394 12.75 -12.86 -6.19
CA PHE B 394 12.63 -11.60 -5.40
C PHE B 394 11.30 -10.91 -5.59
N ASN B 395 10.90 -10.17 -4.56
CA ASN B 395 9.68 -9.37 -4.54
C ASN B 395 8.39 -10.17 -4.61
N ASN B 396 8.48 -11.48 -4.38
CA ASN B 396 7.33 -12.37 -4.45
C ASN B 396 6.55 -12.22 -3.17
N PHE B 397 5.23 -12.40 -3.28
CA PHE B 397 4.34 -12.58 -2.15
C PHE B 397 3.92 -14.05 -2.09
N PHE B 398 4.16 -14.72 -0.96
CA PHE B 398 3.72 -16.12 -0.82
C PHE B 398 2.63 -16.34 0.19
N ASP B 399 1.56 -17.00 -0.21
CA ASP B 399 0.56 -17.50 0.72
C ASP B 399 0.12 -18.84 0.14
N THR B 400 0.80 -19.90 0.56
CA THR B 400 0.81 -21.14 -0.22
C THR B 400 0.15 -22.32 0.51
N GLY B 401 -0.35 -23.29 -0.27
CA GLY B 401 -0.87 -24.53 0.30
C GLY B 401 0.18 -25.43 0.92
N ASP B 402 1.43 -25.30 0.50
CA ASP B 402 2.48 -26.19 0.96
C ASP B 402 3.73 -25.35 1.06
N ASP B 403 4.89 -25.88 0.68
CA ASP B 403 6.15 -25.15 0.83
C ASP B 403 6.14 -23.89 -0.01
N CYS B 404 6.65 -22.78 0.52
CA CYS B 404 6.72 -21.53 -0.26
C CYS B 404 7.70 -21.70 -1.42
N ILE B 405 8.98 -21.85 -1.10
CA ILE B 405 10.08 -22.16 -2.05
C ILE B 405 10.70 -23.53 -1.66
N ASN B 406 10.59 -24.48 -2.57
CA ASN B 406 11.15 -25.81 -2.38
C ASN B 406 12.31 -26.08 -3.34
N PHE B 407 13.37 -26.68 -2.80
CA PHE B 407 14.49 -27.18 -3.61
C PHE B 407 14.53 -28.68 -3.63
N ALA B 408 14.73 -29.25 -4.81
CA ALA B 408 14.75 -30.72 -4.96
C ALA B 408 15.90 -31.15 -5.88
N ALA B 409 16.35 -32.39 -5.74
CA ALA B 409 17.51 -32.86 -6.50
C ALA B 409 17.51 -34.37 -6.68
N GLY B 410 16.35 -34.99 -6.88
CA GLY B 410 16.31 -36.45 -7.06
C GLY B 410 16.39 -37.27 -5.78
N THR B 411 16.27 -38.59 -5.91
CA THR B 411 16.22 -39.48 -4.75
C THR B 411 16.98 -40.75 -5.01
N GLY B 412 17.83 -41.12 -4.05
CA GLY B 412 18.47 -42.42 -4.04
C GLY B 412 19.79 -42.51 -4.80
N GLU B 413 20.24 -43.75 -4.99
CA GLU B 413 21.52 -44.06 -5.66
C GLU B 413 21.61 -43.55 -7.09
N LYS B 414 20.47 -43.55 -7.80
CA LYS B 414 20.43 -43.08 -9.19
C LYS B 414 20.51 -41.57 -9.34
N ALA B 415 20.36 -40.84 -8.24
CA ALA B 415 20.54 -39.38 -8.21
C ALA B 415 22.02 -39.01 -8.33
N GLN B 416 22.90 -39.96 -8.08
CA GLN B 416 24.30 -39.79 -8.40
C GLN B 416 24.52 -39.32 -9.85
N GLU B 417 23.60 -39.66 -10.76
CA GLU B 417 23.79 -39.37 -12.19
C GLU B 417 23.14 -38.05 -12.59
N GLN B 418 22.43 -37.43 -11.66
CA GLN B 418 21.75 -36.16 -11.91
C GLN B 418 22.64 -34.97 -11.48
N GLU B 419 22.36 -33.78 -12.06
CA GLU B 419 22.98 -32.50 -11.72
C GLU B 419 22.51 -32.04 -10.32
N PRO B 420 23.39 -31.37 -9.54
CA PRO B 420 22.96 -30.79 -8.28
C PRO B 420 21.98 -29.62 -8.52
N MET B 421 21.08 -29.41 -7.54
CA MET B 421 20.32 -28.19 -7.41
C MET B 421 21.27 -27.16 -6.79
N LYS B 422 21.83 -26.31 -7.65
CA LYS B 422 22.95 -25.49 -7.22
C LYS B 422 22.78 -24.03 -7.57
N GLY B 423 22.74 -23.19 -6.55
CA GLY B 423 22.88 -21.76 -6.74
C GLY B 423 21.52 -21.10 -6.78
N ALA B 424 21.05 -20.65 -5.60
CA ALA B 424 19.79 -19.93 -5.46
C ALA B 424 19.93 -18.71 -4.56
N TRP B 425 19.23 -17.65 -4.93
CA TRP B 425 19.32 -16.39 -4.25
C TRP B 425 17.92 -15.83 -4.06
N LEU B 426 17.45 -15.79 -2.81
CA LEU B 426 16.07 -15.50 -2.47
C LEU B 426 16.04 -14.29 -1.54
N PHE B 427 15.53 -13.17 -2.00
CA PHE B 427 15.66 -11.93 -1.24
C PHE B 427 14.50 -10.99 -1.54
N ASN B 428 14.16 -10.14 -0.55
CA ASN B 428 13.11 -9.11 -0.63
C ASN B 428 11.71 -9.70 -0.88
N ASN B 429 11.48 -10.91 -0.37
CA ASN B 429 10.18 -11.60 -0.43
C ASN B 429 9.41 -11.48 0.84
N TYR B 430 8.09 -11.57 0.73
CA TYR B 430 7.26 -11.66 1.95
C TYR B 430 6.62 -13.05 1.95
N PHE B 431 6.91 -13.83 2.99
CA PHE B 431 6.33 -15.13 3.10
C PHE B 431 5.22 -15.02 4.11
N ARG B 432 4.01 -15.38 3.71
CA ARG B 432 2.91 -15.42 4.66
C ARG B 432 2.73 -16.89 5.01
N MET B 433 1.59 -17.48 4.68
CA MET B 433 1.28 -18.84 5.14
C MET B 433 1.81 -19.90 4.20
N GLY B 434 2.49 -20.91 4.74
CA GLY B 434 3.08 -21.97 3.91
C GLY B 434 3.89 -22.91 4.78
N HIS B 435 4.36 -24.01 4.23
CA HIS B 435 4.96 -25.04 5.08
C HIS B 435 6.42 -24.80 5.54
N GLY B 436 7.07 -23.81 4.94
CA GLY B 436 8.48 -23.58 5.12
C GLY B 436 8.74 -22.52 4.10
N ALA B 437 9.35 -21.43 4.54
CA ALA B 437 9.67 -20.35 3.59
C ALA B 437 10.75 -20.81 2.59
N ILE B 438 11.82 -21.42 3.11
CA ILE B 438 12.96 -21.91 2.30
C ILE B 438 13.12 -23.38 2.68
N VAL B 439 12.92 -24.31 1.73
CA VAL B 439 12.86 -25.74 2.03
C VAL B 439 13.80 -26.53 1.11
N THR B 440 14.73 -27.27 1.74
CA THR B 440 15.72 -28.08 1.07
C THR B 440 15.67 -29.53 1.59
N GLY B 441 15.09 -30.50 0.91
CA GLY B 441 14.09 -30.32 -0.08
C GLY B 441 12.92 -31.16 0.36
N SER B 442 13.29 -32.23 1.04
CA SER B 442 13.06 -33.68 0.84
C SER B 442 13.98 -34.52 -0.11
N HIS B 443 13.84 -34.31 -1.41
CA HIS B 443 14.67 -34.92 -2.45
C HIS B 443 16.06 -34.26 -2.51
N THR B 444 17.03 -34.90 -1.89
CA THR B 444 18.36 -34.30 -1.75
C THR B 444 19.40 -35.16 -2.44
N GLY B 445 18.92 -36.16 -3.19
CA GLY B 445 19.75 -37.22 -3.78
C GLY B 445 21.04 -36.76 -4.46
N ALA B 446 20.89 -35.94 -5.50
CA ALA B 446 22.04 -35.27 -6.09
C ALA B 446 22.05 -34.13 -5.11
N TRP B 447 23.05 -33.30 -4.98
CA TRP B 447 22.94 -32.42 -3.76
C TRP B 447 22.00 -31.19 -3.91
N ILE B 448 21.71 -30.51 -2.80
CA ILE B 448 21.18 -29.15 -2.83
C ILE B 448 22.18 -28.22 -2.19
N GLU B 449 22.63 -27.19 -2.92
CA GLU B 449 23.74 -26.39 -2.41
C GLU B 449 23.79 -24.99 -2.94
N ASP B 450 24.56 -24.15 -2.23
CA ASP B 450 24.80 -22.72 -2.49
C ASP B 450 23.50 -21.95 -2.56
N ILE B 451 22.80 -21.89 -1.42
CA ILE B 451 21.48 -21.26 -1.30
C ILE B 451 21.65 -20.06 -0.37
N LEU B 452 21.30 -18.88 -0.84
CA LEU B 452 21.34 -17.70 0.00
C LEU B 452 19.96 -17.04 0.08
N ALA B 453 19.37 -17.01 1.29
CA ALA B 453 18.08 -16.36 1.53
C ALA B 453 18.29 -15.18 2.49
N GLU B 454 18.13 -13.96 1.99
CA GLU B 454 18.50 -12.78 2.79
C GLU B 454 17.54 -11.63 2.57
N ASN B 455 17.33 -10.80 3.57
CA ASN B 455 16.47 -9.63 3.43
C ASN B 455 15.02 -9.98 3.03
N ASN B 456 14.44 -10.96 3.75
CA ASN B 456 13.07 -11.38 3.59
C ASN B 456 12.38 -11.19 4.92
N VAL B 457 11.06 -11.27 4.88
CA VAL B 457 10.24 -11.14 6.06
C VAL B 457 9.26 -12.32 6.02
N MET B 458 8.96 -12.90 7.19
CA MET B 458 7.99 -14.00 7.30
C MET B 458 6.96 -13.74 8.38
N TYR B 459 5.69 -13.91 8.02
CA TYR B 459 4.62 -13.68 8.97
C TYR B 459 3.62 -14.82 8.79
N LEU B 460 3.39 -15.57 9.87
CA LEU B 460 2.40 -16.65 9.87
C LEU B 460 2.86 -17.95 9.20
N THR B 461 4.05 -17.93 8.59
CA THR B 461 4.63 -19.15 7.98
C THR B 461 4.86 -20.27 9.04
N ASP B 462 4.77 -21.54 8.64
CA ASP B 462 5.13 -22.64 9.53
C ASP B 462 6.57 -22.57 10.02
N ILE B 463 7.50 -22.53 9.07
CA ILE B 463 8.92 -22.62 9.38
C ILE B 463 9.66 -21.62 8.52
N GLY B 464 10.78 -21.07 9.01
CA GLY B 464 11.64 -20.20 8.22
C GLY B 464 12.62 -20.97 7.33
N LEU B 465 13.36 -21.89 7.95
CA LEU B 465 14.34 -22.71 7.24
C LEU B 465 14.06 -24.19 7.55
N ARG B 466 13.66 -24.96 6.53
CA ARG B 466 13.39 -26.39 6.69
C ARG B 466 14.31 -27.24 5.79
N ALA B 467 15.18 -28.04 6.42
CA ALA B 467 15.90 -29.06 5.66
C ALA B 467 15.49 -30.43 6.12
N LYS B 468 15.20 -31.27 5.15
CA LYS B 468 14.75 -32.63 5.43
C LYS B 468 15.25 -33.61 4.40
N SER B 469 15.63 -34.79 4.86
CA SER B 469 15.92 -35.90 3.97
C SER B 469 15.69 -37.18 4.75
N THR B 470 16.12 -38.30 4.18
CA THR B 470 16.09 -39.58 4.88
C THR B 470 17.45 -40.24 4.62
N SER B 471 17.82 -41.22 5.43
CA SER B 471 19.05 -42.00 5.16
C SER B 471 19.17 -42.59 3.73
N THR B 472 18.07 -43.10 3.18
CA THR B 472 18.13 -43.72 1.84
C THR B 472 17.92 -42.75 0.63
N ILE B 473 17.44 -41.54 0.88
CA ILE B 473 17.42 -40.52 -0.19
C ILE B 473 18.88 -40.13 -0.62
N GLY B 474 19.81 -40.10 0.32
CA GLY B 474 21.22 -39.75 0.06
C GLY B 474 21.47 -38.28 -0.26
N GLY B 475 22.69 -37.95 -0.68
CA GLY B 475 23.10 -36.56 -0.95
C GLY B 475 22.94 -35.71 0.28
N GLY B 476 22.09 -34.69 0.23
CA GLY B 476 21.87 -33.78 1.38
C GLY B 476 21.79 -32.34 0.88
N ALA B 477 22.03 -31.40 1.79
CA ALA B 477 22.18 -29.99 1.46
C ALA B 477 23.44 -29.42 2.11
N ARG B 478 24.13 -28.54 1.40
CA ARG B 478 25.28 -27.87 1.95
C ARG B 478 25.39 -26.46 1.44
N ASN B 479 26.12 -25.64 2.19
CA ASN B 479 26.38 -24.25 1.83
C ASN B 479 25.08 -23.47 1.68
N VAL B 480 24.28 -23.49 2.75
CA VAL B 480 23.00 -22.82 2.78
C VAL B 480 23.15 -21.69 3.79
N THR B 481 22.83 -20.46 3.36
CA THR B 481 22.89 -19.26 4.22
C THR B 481 21.50 -18.61 4.37
N PHE B 482 21.04 -18.47 5.60
CA PHE B 482 19.76 -17.87 5.96
C PHE B 482 20.09 -16.66 6.84
N ARG B 483 20.11 -15.46 6.27
CA ARG B 483 20.68 -14.31 6.98
C ARG B 483 19.84 -13.08 6.76
N ASN B 484 19.83 -12.18 7.74
CA ASN B 484 19.19 -10.87 7.59
C ASN B 484 17.69 -11.02 7.24
N ASN B 485 16.97 -11.85 8.00
CA ASN B 485 15.52 -12.11 7.84
C ASN B 485 14.82 -11.87 9.15
N ALA B 486 13.59 -11.38 9.09
CA ALA B 486 12.82 -11.12 10.30
C ALA B 486 11.52 -11.88 10.18
N MET B 487 11.06 -12.45 11.30
CA MET B 487 9.95 -13.39 11.32
C MET B 487 9.06 -13.16 12.55
N ARG B 488 7.75 -13.24 12.35
CA ARG B 488 6.81 -13.02 13.42
C ARG B 488 5.68 -14.04 13.32
N ASP B 489 5.24 -14.56 14.46
CA ASP B 489 4.08 -15.48 14.53
C ASP B 489 4.23 -16.77 13.70
N LEU B 490 5.43 -17.32 13.67
CA LEU B 490 5.63 -18.61 13.02
C LEU B 490 4.75 -19.68 13.64
N ALA B 491 4.04 -20.44 12.81
CA ALA B 491 3.15 -21.49 13.29
C ALA B 491 3.90 -22.70 13.86
N LYS B 492 5.14 -22.92 13.45
CA LYS B 492 5.81 -24.16 13.90
C LYS B 492 7.15 -23.99 14.60
N GLN B 493 8.20 -23.75 13.83
CA GLN B 493 9.56 -23.74 14.33
C GLN B 493 10.30 -22.72 13.49
N VAL B 494 11.47 -22.32 13.97
CA VAL B 494 12.30 -21.33 13.30
C VAL B 494 13.14 -22.05 12.22
N MET B 495 13.90 -23.07 12.64
CA MET B 495 14.75 -23.83 11.76
C MET B 495 14.76 -25.32 12.13
N VAL B 496 14.57 -26.18 11.13
CA VAL B 496 14.59 -27.64 11.29
C VAL B 496 15.56 -28.30 10.29
N MET B 497 16.44 -29.17 10.78
CA MET B 497 17.28 -30.02 9.95
C MET B 497 17.11 -31.42 10.50
N THR B 498 16.42 -32.26 9.74
CA THR B 498 16.16 -33.64 10.16
C THR B 498 16.39 -34.67 9.07
N LEU B 499 16.79 -35.85 9.53
CA LEU B 499 16.76 -37.09 8.77
C LEU B 499 15.59 -37.93 9.25
N ASP B 500 14.58 -38.10 8.42
CA ASP B 500 13.41 -38.90 8.77
C ASP B 500 13.58 -40.35 8.34
N TYR B 501 12.67 -41.20 8.81
CA TYR B 501 12.50 -42.54 8.26
C TYR B 501 11.63 -42.33 7.00
N ALA B 502 11.94 -42.99 5.89
CA ALA B 502 12.85 -44.14 5.79
C ALA B 502 14.35 -43.80 5.86
N ILE B 508 7.88 -46.44 -2.52
CA ILE B 508 7.44 -45.37 -3.42
C ILE B 508 7.69 -45.55 -4.96
N ASP B 509 8.82 -46.10 -5.46
CA ASP B 509 10.12 -46.34 -4.82
C ASP B 509 11.18 -46.50 -5.93
N TYR B 510 12.44 -46.63 -5.52
CA TYR B 510 13.64 -46.39 -6.35
C TYR B 510 14.84 -47.00 -5.61
N PRO B 511 15.97 -47.23 -6.31
CA PRO B 511 17.17 -47.77 -5.63
C PRO B 511 17.65 -46.84 -4.51
N PRO B 512 17.89 -47.41 -3.30
CA PRO B 512 18.28 -46.60 -2.15
C PRO B 512 19.73 -46.13 -2.20
N ALA B 513 20.03 -44.96 -1.64
CA ALA B 513 21.41 -44.52 -1.50
C ALA B 513 22.13 -45.32 -0.41
N LYS B 514 23.44 -45.48 -0.61
CA LYS B 514 24.32 -46.25 0.27
C LYS B 514 24.82 -45.40 1.41
N ILE B 515 25.15 -44.15 1.11
CA ILE B 515 25.58 -43.16 2.10
C ILE B 515 24.36 -42.30 2.51
N PRO B 516 24.04 -42.28 3.84
CA PRO B 516 22.89 -41.50 4.34
C PRO B 516 22.98 -40.01 3.97
N ALA B 517 21.85 -39.32 3.98
CA ALA B 517 21.88 -37.90 3.66
C ALA B 517 22.55 -37.12 4.77
N GLN B 518 23.13 -35.98 4.42
CA GLN B 518 23.83 -35.13 5.36
C GLN B 518 23.63 -33.65 5.08
N PHE B 519 23.48 -32.87 6.16
CA PHE B 519 23.46 -31.42 6.08
C PHE B 519 24.70 -30.83 6.71
N TYR B 520 25.40 -29.99 5.95
CA TYR B 520 26.54 -29.30 6.51
C TYR B 520 26.79 -27.93 5.96
N ASP B 521 27.48 -27.11 6.74
CA ASP B 521 27.86 -25.80 6.28
C ASP B 521 26.55 -25.01 6.04
N PHE B 522 25.76 -24.90 7.11
CA PHE B 522 24.54 -24.11 7.16
C PHE B 522 24.88 -22.91 8.01
N THR B 523 24.44 -21.73 7.59
CA THR B 523 24.66 -20.47 8.33
C THR B 523 23.33 -19.78 8.67
N LEU B 524 23.15 -19.43 9.94
CA LEU B 524 21.99 -18.68 10.39
C LEU B 524 22.49 -17.46 11.15
N LYS B 525 22.25 -16.28 10.57
CA LYS B 525 22.95 -15.07 10.92
C LYS B 525 22.01 -13.89 10.82
N ASN B 526 21.95 -13.11 11.91
CA ASN B 526 21.27 -11.80 11.92
C ASN B 526 19.79 -11.96 11.61
N VAL B 527 19.14 -12.79 12.42
CA VAL B 527 17.78 -13.21 12.21
C VAL B 527 17.07 -13.00 13.52
N THR B 528 15.86 -12.44 13.46
CA THR B 528 15.03 -12.25 14.62
C THR B 528 13.73 -12.97 14.41
N VAL B 529 13.16 -13.48 15.50
CA VAL B 529 11.85 -14.11 15.51
C VAL B 529 11.07 -13.65 16.72
N ASP B 530 9.91 -13.06 16.47
CA ASP B 530 8.97 -12.76 17.55
C ASP B 530 7.77 -13.68 17.50
N ASN B 531 7.69 -14.57 18.48
CA ASN B 531 6.60 -15.53 18.61
C ASN B 531 6.74 -16.67 17.59
N SER B 532 7.07 -17.86 18.08
CA SER B 532 6.83 -19.06 17.30
C SER B 532 5.80 -19.85 18.11
N THR B 533 4.57 -19.93 17.59
CA THR B 533 3.41 -20.36 18.39
C THR B 533 3.21 -21.90 18.48
N GLY B 534 4.12 -22.67 17.90
CA GLY B 534 4.02 -24.13 17.87
C GLY B 534 4.67 -24.80 19.06
N LYS B 535 4.36 -26.07 19.27
CA LYS B 535 4.84 -26.78 20.47
C LYS B 535 6.20 -27.50 20.28
N ASN B 536 6.63 -27.64 19.03
CA ASN B 536 7.91 -28.30 18.75
C ASN B 536 9.12 -27.38 18.86
N PRO B 537 10.32 -27.96 19.02
CA PRO B 537 11.52 -27.22 19.34
C PRO B 537 11.75 -26.04 18.40
N SER B 538 12.17 -24.90 18.94
CA SER B 538 12.40 -23.69 18.14
C SER B 538 13.44 -23.91 17.04
N ILE B 539 14.61 -24.39 17.44
CA ILE B 539 15.62 -24.96 16.55
C ILE B 539 15.69 -26.47 16.81
N GLU B 540 15.45 -27.24 15.77
CA GLU B 540 15.49 -28.68 15.85
C GLU B 540 16.43 -29.20 14.77
N ILE B 541 17.48 -29.89 15.23
CA ILE B 541 18.47 -30.53 14.40
C ILE B 541 18.55 -32.00 14.85
N LYS B 542 18.49 -32.94 13.90
CA LYS B 542 18.52 -34.38 14.21
C LYS B 542 19.04 -35.14 13.04
N GLY B 543 19.81 -36.19 13.31
CA GLY B 543 20.17 -37.16 12.29
C GLY B 543 20.01 -38.53 12.91
N ASP B 544 21.04 -39.36 12.80
CA ASP B 544 21.03 -40.68 13.41
C ASP B 544 22.46 -41.17 13.51
N THR B 545 23.13 -40.77 14.59
CA THR B 545 24.54 -41.10 14.83
C THR B 545 24.74 -42.62 14.92
N ALA B 546 23.75 -43.32 15.46
CA ALA B 546 23.77 -44.79 15.51
C ALA B 546 23.85 -45.45 14.12
N ASN B 547 23.30 -44.76 13.12
CA ASN B 547 23.34 -45.19 11.71
C ASN B 547 24.42 -44.42 10.92
N LYS B 548 25.37 -43.82 11.67
CA LYS B 548 26.47 -43.01 11.11
C LYS B 548 26.01 -41.75 10.35
N ALA B 549 24.87 -41.21 10.76
CA ALA B 549 24.26 -40.05 10.11
C ALA B 549 24.18 -38.78 10.98
N TRP B 550 25.20 -37.96 10.88
CA TRP B 550 25.20 -36.69 11.58
C TRP B 550 25.34 -35.50 10.63
N HIS B 551 24.96 -34.35 11.13
CA HIS B 551 25.11 -33.09 10.43
C HIS B 551 26.36 -32.42 11.00
N ARG B 552 26.90 -31.44 10.28
CA ARG B 552 28.07 -30.72 10.73
C ARG B 552 28.18 -29.32 10.16
N LEU B 553 29.06 -28.50 10.75
CA LEU B 553 29.37 -27.16 10.29
C LEU B 553 28.15 -26.24 10.22
N VAL B 554 27.50 -26.10 11.37
CA VAL B 554 26.35 -25.27 11.49
C VAL B 554 26.84 -24.09 12.32
N HIS B 555 26.67 -22.89 11.77
CA HIS B 555 27.17 -21.65 12.30
C HIS B 555 25.99 -20.74 12.54
N VAL B 556 25.69 -20.46 13.81
CA VAL B 556 24.58 -19.58 14.16
C VAL B 556 25.15 -18.42 14.94
N ASN B 557 24.67 -17.22 14.62
CA ASN B 557 25.32 -16.00 15.06
C ASN B 557 24.34 -14.85 14.97
N ASN B 558 24.18 -14.20 16.12
CA ASN B 558 23.39 -12.99 16.29
C ASN B 558 21.91 -13.17 15.93
N VAL B 559 21.25 -14.01 16.73
CA VAL B 559 19.87 -14.40 16.53
C VAL B 559 19.16 -14.09 17.83
N GLN B 560 18.01 -13.41 17.74
CA GLN B 560 17.16 -13.16 18.91
C GLN B 560 15.80 -13.82 18.73
N LEU B 561 15.43 -14.64 19.72
CA LEU B 561 14.20 -15.45 19.69
C LEU B 561 13.28 -15.19 20.89
N ASN B 562 12.17 -14.51 20.64
CA ASN B 562 11.24 -14.11 21.68
C ASN B 562 9.98 -14.94 21.58
N ASN B 563 9.53 -15.46 22.74
CA ASN B 563 8.34 -16.34 22.83
C ASN B 563 8.44 -17.58 21.91
N VAL B 564 9.49 -18.37 22.14
CA VAL B 564 9.71 -19.62 21.41
C VAL B 564 9.88 -20.77 22.41
N THR B 565 9.87 -22.02 21.92
CA THR B 565 10.15 -23.20 22.76
C THR B 565 11.66 -23.44 22.83
N PRO B 566 12.15 -24.26 23.78
CA PRO B 566 13.58 -24.59 23.73
C PRO B 566 13.99 -25.43 22.52
N THR B 567 15.28 -25.35 22.20
CA THR B 567 15.93 -26.15 21.18
C THR B 567 15.94 -27.68 21.48
N ALA B 568 16.03 -28.47 20.41
CA ALA B 568 16.35 -29.89 20.49
C ALA B 568 17.38 -30.18 19.41
N ILE B 569 18.59 -30.45 19.81
CA ILE B 569 19.68 -30.49 18.90
C ILE B 569 20.44 -31.76 19.14
N SER B 570 20.56 -32.57 18.13
CA SER B 570 21.34 -33.74 18.26
C SER B 570 21.93 -34.21 16.97
N ASP B 571 22.93 -35.06 17.05
CA ASP B 571 23.62 -35.57 15.88
C ASP B 571 24.26 -34.47 15.06
N LEU B 572 24.99 -33.62 15.74
CA LEU B 572 25.62 -32.45 15.17
C LEU B 572 27.05 -32.31 15.67
N ARG B 573 27.96 -32.01 14.76
CA ARG B 573 29.38 -31.88 15.08
C ARG B 573 29.95 -30.64 14.45
N ASP B 574 31.09 -30.20 14.96
CA ASP B 574 31.84 -29.05 14.47
C ASP B 574 31.00 -27.80 14.23
N SER B 575 30.25 -27.42 15.26
CA SER B 575 29.25 -26.34 15.15
C SER B 575 29.34 -25.35 16.29
N GLU B 576 28.84 -24.14 16.06
CA GLU B 576 28.78 -23.13 17.12
C GLU B 576 27.54 -22.25 17.07
N PHE B 577 27.12 -21.80 18.25
CA PHE B 577 25.92 -21.01 18.40
C PHE B 577 26.20 -19.78 19.24
N ASN B 578 26.61 -18.69 18.57
CA ASN B 578 27.04 -17.45 19.23
C ASN B 578 26.02 -16.30 19.24
N LYS B 579 25.92 -15.62 20.38
CA LYS B 579 25.03 -14.49 20.56
C LYS B 579 23.61 -14.81 20.06
N VAL B 580 23.10 -15.96 20.53
CA VAL B 580 21.73 -16.36 20.31
C VAL B 580 21.00 -16.09 21.61
N THR B 581 20.06 -15.16 21.56
CA THR B 581 19.38 -14.70 22.77
C THR B 581 17.91 -15.11 22.79
N PHE B 582 17.53 -15.86 23.81
CA PHE B 582 16.15 -16.25 24.08
C PHE B 582 15.48 -15.39 25.15
N THR B 583 14.27 -14.94 24.89
CA THR B 583 13.46 -14.22 25.86
C THR B 583 12.04 -14.79 25.86
N GLU B 584 11.35 -14.67 26.98
CA GLU B 584 9.99 -15.20 27.13
C GLU B 584 9.90 -16.67 26.69
N LEU B 585 10.94 -17.42 27.00
CA LEU B 585 11.01 -18.82 26.63
C LEU B 585 9.85 -19.61 27.20
N ARG B 586 9.24 -20.42 26.34
CA ARG B 586 8.25 -21.36 26.79
C ARG B 586 8.94 -22.67 27.23
N GLY B 587 9.59 -22.62 28.39
CA GLY B 587 10.34 -23.76 28.92
C GLY B 587 11.36 -23.37 29.96
N ASP B 588 12.06 -24.36 30.51
CA ASP B 588 13.02 -24.13 31.58
C ASP B 588 14.33 -23.57 31.02
N THR B 589 15.08 -24.38 30.26
CA THR B 589 16.31 -23.91 29.59
C THR B 589 16.24 -24.01 28.04
N PRO B 590 16.84 -23.03 27.33
CA PRO B 590 16.81 -22.98 25.86
C PRO B 590 17.60 -24.08 25.11
N TRP B 591 18.77 -24.50 25.64
CA TRP B 591 19.65 -25.41 24.95
C TRP B 591 19.50 -26.85 25.39
N HIS B 592 19.30 -27.75 24.42
CA HIS B 592 19.22 -29.17 24.68
C HIS B 592 19.97 -29.90 23.59
N PHE B 593 21.07 -30.52 23.99
CA PHE B 593 22.01 -31.15 23.11
C PHE B 593 22.16 -32.63 23.46
N SER B 594 22.24 -33.51 22.45
CA SER B 594 22.58 -34.93 22.67
C SER B 594 23.30 -35.51 21.46
N GLU B 595 24.24 -36.45 21.71
CA GLU B 595 25.06 -37.01 20.63
C GLU B 595 25.70 -35.91 19.79
N VAL B 596 26.51 -35.09 20.45
CA VAL B 596 27.19 -33.98 19.77
C VAL B 596 28.67 -34.16 19.98
N LYS B 597 29.47 -33.53 19.13
CA LYS B 597 30.92 -33.58 19.26
C LYS B 597 31.45 -32.31 18.63
N ASN B 598 32.32 -31.62 19.37
CA ASN B 598 32.92 -30.34 18.96
C ASN B 598 31.89 -29.25 18.64
N VAL B 599 30.83 -29.17 19.47
CA VAL B 599 29.93 -28.02 19.36
C VAL B 599 29.95 -27.10 20.58
N LYS B 600 30.04 -25.80 20.30
CA LYS B 600 30.20 -24.77 21.31
C LYS B 600 29.00 -23.83 21.29
N VAL B 601 28.64 -23.30 22.46
CA VAL B 601 27.77 -22.12 22.54
C VAL B 601 28.44 -21.00 23.31
N ASP B 602 28.71 -19.92 22.61
CA ASP B 602 29.40 -18.75 23.14
C ASP B 602 30.82 -18.89 23.74
N GLY B 603 31.60 -19.95 23.48
CA GLY B 603 31.27 -21.37 23.78
C GLY B 603 32.44 -21.82 24.67
N LYS B 604 32.26 -22.40 25.87
CA LYS B 604 31.38 -23.57 26.19
C LYS B 604 31.25 -24.42 24.94
N PRO B 605 32.06 -25.50 24.81
CA PRO B 605 32.01 -26.87 25.28
C PRO B 605 30.65 -27.35 25.75
N VAL B 606 29.88 -27.88 24.80
CA VAL B 606 28.67 -28.64 25.14
C VAL B 606 29.12 -30.01 25.66
N ALA B 607 28.67 -30.38 26.86
CA ALA B 607 29.04 -31.69 27.45
C ALA B 607 28.21 -32.81 26.82
C1 ADA C . -8.02 26.51 14.87
C2 ADA C . -7.44 27.36 13.72
C3 ADA C . -7.32 28.80 14.25
C4 ADA C . -8.75 29.35 14.33
C5 ADA C . -9.49 28.49 15.37
C6 ADA C . -10.98 28.91 15.48
O1 ADA C . -7.25 26.59 16.10
O2 ADA C . -6.24 26.84 13.21
O3 ADA C . -6.41 29.63 13.48
O4 ADA C . -9.38 29.11 13.05
O5 ADA C . -9.38 27.03 15.08
O6B ADA C . -11.79 28.40 14.67
O6A ADA C . -11.29 29.73 16.38
C1 ADA C . -10.22 30.19 12.55
C2 ADA C . -10.91 29.64 11.28
C3 ADA C . -9.82 29.29 10.25
C4 ADA C . -8.97 30.55 9.92
C5 ADA C . -8.35 31.12 11.22
C6 ADA C . -7.48 32.41 11.14
O2 ADA C . -11.75 28.51 11.59
O3 ADA C . -10.39 28.71 9.08
O4 ADA C . -9.75 31.56 9.27
O5 ADA C . -9.37 31.34 12.24
O6B ADA C . -7.74 33.31 11.95
O6A ADA C . -6.57 32.47 10.27
S SO4 D . -6.15 43.18 0.91
O1 SO4 D . -4.79 42.85 0.48
O2 SO4 D . -6.71 42.14 1.79
O3 SO4 D . -6.13 44.45 1.65
O4 SO4 D . -6.96 43.33 -0.30
S SO4 E . -10.81 -3.39 19.25
O1 SO4 E . -10.47 -3.40 17.82
O2 SO4 E . -10.35 -4.66 19.84
O3 SO4 E . -10.13 -2.28 19.92
O4 SO4 E . -12.26 -3.28 19.43
S SO4 F . -22.82 8.08 33.56
O1 SO4 F . -23.85 7.43 32.76
O2 SO4 F . -21.63 7.24 33.67
O3 SO4 F . -22.43 9.34 32.96
O4 SO4 F . -23.37 8.34 34.91
S SO4 G . 1.45 8.74 3.43
O1 SO4 G . 1.31 8.88 1.98
O2 SO4 G . 2.14 7.48 3.71
O3 SO4 G . 2.19 9.84 4.04
O4 SO4 G . 0.11 8.73 4.01
S SO4 H . -0.06 7.26 -4.77
O1 SO4 H . -0.36 5.82 -4.76
O2 SO4 H . -1.30 8.02 -4.87
O3 SO4 H . 0.62 7.65 -3.53
O4 SO4 H . 0.77 7.53 -5.93
S SO4 I . -4.23 27.24 19.65
O1 SO4 I . -3.87 25.89 19.23
O2 SO4 I . -4.43 27.23 21.09
O3 SO4 I . -3.15 28.17 19.32
O4 SO4 I . -5.45 27.66 18.95
NI NI J . -1.75 -3.37 10.95
NI NI K . -2.59 19.64 16.83
NI NI L . 11.57 19.31 7.56
NI NI M . -8.31 24.33 18.00
S SO4 N . 4.47 -31.49 3.92
O1 SO4 N . 5.29 -32.42 3.13
O2 SO4 N . 4.28 -32.00 5.28
O3 SO4 N . 5.16 -30.20 3.99
O4 SO4 N . 3.16 -31.35 3.28
S SO4 O . 4.32 -9.01 20.48
O1 SO4 O . 3.72 -10.21 19.93
O2 SO4 O . 3.64 -8.65 21.72
O3 SO4 O . 5.75 -9.24 20.75
O4 SO4 O . 4.21 -7.90 19.54
S SO4 P . 9.57 -37.87 -20.00
O1 SO4 P . 10.16 -39.20 -19.92
O2 SO4 P . 9.20 -37.42 -18.67
O3 SO4 P . 10.56 -36.94 -20.54
O4 SO4 P . 8.43 -37.84 -20.90
S SO4 Q . 2.92 -30.84 13.29
O1 SO4 Q . 1.95 -31.09 12.23
O2 SO4 Q . 3.07 -32.04 14.11
O3 SO4 Q . 4.20 -30.48 12.69
O4 SO4 Q . 2.46 -29.73 14.14
S SO4 R . 24.39 -17.91 -4.05
O1 SO4 R . 24.69 -18.80 -5.18
O2 SO4 R . 23.58 -18.63 -3.07
O3 SO4 R . 25.62 -17.49 -3.39
O4 SO4 R . 23.66 -16.74 -4.53
S SO4 S . 10.08 -33.59 -29.52
O1 SO4 S . 9.47 -33.84 -30.82
O2 SO4 S . 10.25 -34.85 -28.79
O3 SO4 S . 11.39 -32.97 -29.72
O4 SO4 S . 9.20 -32.69 -28.77
S SO4 T . 22.69 2.44 -28.02
O1 SO4 T . 24.08 1.97 -28.14
O2 SO4 T . 21.84 1.26 -28.06
O3 SO4 T . 22.54 3.18 -26.76
O4 SO4 T . 22.32 3.32 -29.12
S SO4 U . 32.09 -6.70 -8.44
O1 SO4 U . 31.45 -7.58 -9.42
O2 SO4 U . 32.13 -7.36 -7.13
O3 SO4 U . 33.47 -6.44 -8.86
O4 SO4 U . 31.35 -5.45 -8.35
S SO4 V . 12.88 -12.94 29.70
O1 SO4 V . 12.61 -14.30 29.24
O2 SO4 V . 12.40 -12.84 31.09
O3 SO4 V . 14.33 -12.68 29.65
O4 SO4 V . 12.18 -11.96 28.87
S SO4 W . 12.60 -27.51 29.11
O1 SO4 W . 12.17 -27.93 27.77
O2 SO4 W . 12.80 -28.71 29.91
O3 SO4 W . 13.85 -26.76 29.06
O4 SO4 W . 11.55 -26.67 29.69
S SO4 X . 28.73 -12.42 1.08
O1 SO4 X . 27.74 -13.11 0.26
O2 SO4 X . 28.91 -13.06 2.38
O3 SO4 X . 30.00 -12.43 0.37
O4 SO4 X . 28.29 -11.03 1.33
S SO4 Y . 10.91 -6.06 -16.93
O1 SO4 Y . 10.32 -6.41 -18.25
O2 SO4 Y . 10.05 -6.73 -15.89
O3 SO4 Y . 12.30 -6.52 -16.95
O4 SO4 Y . 10.94 -4.63 -16.65
NI NI Z . -0.78 -26.16 3.80
NI NI AA . 22.44 -27.98 -15.48
NI NI BA . -18.20 -38.30 0.47
NI NI CA . -11.40 -19.61 -7.78
NI NI DA . 7.58 -7.81 -20.50
NI NI EA . 10.36 6.52 0.86
C ACT FA . 9.91 -39.14 -2.41
O ACT FA . 10.66 -39.74 -1.56
OXT ACT FA . 9.26 -38.08 -2.18
CH3 ACT FA . 9.84 -39.74 -3.80
C ACT GA . 12.10 -1.97 5.43
O ACT GA . 12.47 -2.18 4.25
OXT ACT GA . 12.78 -2.26 6.47
CH3 ACT GA . 10.77 -1.31 5.64
C ACT HA . 9.30 -32.02 -3.19
O ACT HA . 10.27 -31.77 -2.44
OXT ACT HA . 9.30 -31.79 -4.43
CH3 ACT HA . 8.05 -32.60 -2.58
C ACT IA . 1.95 -7.98 11.05
O ACT IA . 2.83 -7.59 11.85
OXT ACT IA . 0.71 -7.94 11.28
CH3 ACT IA . 2.44 -8.55 9.75
C1 PEG JA . 25.59 -19.57 0.03
O1 PEG JA . 25.66 -20.17 1.31
C2 PEG JA . 25.60 -18.09 0.33
O2 PEG JA . 26.57 -17.52 -0.53
C3 PEG JA . 27.21 -16.43 0.12
C4 PEG JA . 28.18 -16.98 1.16
O4 PEG JA . 27.95 -16.21 2.34
C1 PEG KA . 31.32 -41.75 16.82
O1 PEG KA . 31.36 -41.98 15.40
C2 PEG KA . 32.75 -41.64 17.38
O2 PEG KA . 33.43 -40.53 16.79
C3 PEG KA . 34.41 -40.93 15.83
C4 PEG KA . 34.47 -39.94 14.67
O4 PEG KA . 34.02 -40.55 13.44
#